data_7NY9
#
_entry.id   7NY9
#
_cell.length_a   66.425
_cell.length_b   103.001
_cell.length_c   109.432
_cell.angle_alpha   90.000
_cell.angle_beta   90.000
_cell.angle_gamma   90.000
#
_symmetry.space_group_name_H-M   'P 21 21 21'
#
loop_
_entity.id
_entity.type
_entity.pdbx_description
1 polymer 'Branched-chain-amino-acid aminotransferase, cytosolic'
2 non-polymer 3-[2,6-bis(oxidanylidene)-4-(trifluoromethyl)-5~{H}-pyrimidin-1-yl]-~{N}-methyl-2-pyridin-2-yl-imidazo[1,2-a]pyridine-7-carboxamide
3 non-polymer "PYRIDOXAL-5'-PHOSPHATE"
4 non-polymer 'MAGNESIUM ION'
5 water water
#
_entity_poly.entity_id   1
_entity_poly.type   'polypeptide(L)'
_entity_poly.pdbx_seq_one_letter_code
;GPGMKDCSNGCSAECTGEGGSKEVVGTFKAKDLIVTPATILKEKPDPNNLVFGTVFTDHMLTVEWSSEFGWEKPHIKPLQ
NLSLHPGSSALHYAVELFEGLKAFRGVDNKIRLFQPNLNMDRMYRSAVRATLPVFDKEELLECIQQLVKLDQEWVPYSTS
ASLYIRPTFIGTEPSLGVKKPTKALLFVLLSPVGPYFSSGTFNPVSLWANPKYVRAWKGGTGDCKMGGNYGSSLFAQCEA
VDNGCQQVLWLYGEDHQITEVGTMNLFLYWINEDGEEELATPPLDGIILPGVTRRCILDLAHQWGEFKVSERYLTMDDLT
TALEGNRVREMFGSGTACVVCPVSDILYKGETIHIPTMENGPKLASRILSKLTDIQYGREERDWTIVLS
;
_entity_poly.pdbx_strand_id   A,B
#
# COMPACT_ATOMS: atom_id res chain seq x y z
N GLY A 26 -19.64 -3.37 16.60
CA GLY A 26 -20.64 -4.43 16.35
C GLY A 26 -20.21 -5.37 15.23
N THR A 27 -21.13 -6.19 14.73
CA THR A 27 -20.83 -7.21 13.70
C THR A 27 -22.08 -7.54 12.89
N PHE A 28 -21.86 -7.98 11.66
CA PHE A 28 -22.82 -8.76 10.84
C PHE A 28 -22.94 -10.16 11.46
N LYS A 29 -24.04 -10.85 11.17
CA LYS A 29 -24.33 -12.19 11.76
C LYS A 29 -24.66 -13.15 10.61
N ALA A 30 -24.08 -14.35 10.64
CA ALA A 30 -24.31 -15.41 9.63
C ALA A 30 -25.80 -15.76 9.59
N LYS A 31 -26.50 -15.66 10.73
CA LYS A 31 -27.96 -15.98 10.82
C LYS A 31 -28.75 -15.03 9.91
N ASP A 32 -28.21 -13.85 9.57
CA ASP A 32 -28.87 -12.81 8.75
C ASP A 32 -28.53 -12.98 7.26
N LEU A 33 -27.74 -13.99 6.89
CA LEU A 33 -27.27 -14.17 5.49
C LEU A 33 -28.47 -14.08 4.54
N ILE A 34 -28.36 -13.25 3.51
CA ILE A 34 -29.31 -13.17 2.38
C ILE A 34 -28.65 -13.86 1.19
N VAL A 35 -29.19 -14.99 0.76
CA VAL A 35 -28.58 -15.82 -0.32
C VAL A 35 -29.38 -15.63 -1.60
N THR A 36 -28.74 -15.08 -2.63
CA THR A 36 -29.27 -14.89 -4.00
C THR A 36 -28.54 -15.85 -4.92
N PRO A 37 -29.07 -17.07 -5.18
CA PRO A 37 -28.39 -18.03 -6.04
C PRO A 37 -28.33 -17.54 -7.50
N ALA A 38 -27.23 -17.84 -8.19
CA ALA A 38 -27.08 -17.67 -9.66
C ALA A 38 -28.10 -18.59 -10.35
N THR A 39 -28.65 -18.13 -11.48
CA THR A 39 -29.59 -18.93 -12.32
C THR A 39 -28.82 -19.48 -13.53
N ILE A 40 -27.65 -18.92 -13.83
CA ILE A 40 -26.69 -19.41 -14.85
C ILE A 40 -25.42 -19.83 -14.13
N LEU A 41 -25.00 -21.10 -14.26
CA LEU A 41 -23.77 -21.62 -13.62
C LEU A 41 -22.66 -21.67 -14.67
N LYS A 42 -21.43 -21.35 -14.30
CA LYS A 42 -20.26 -21.42 -15.20
C LYS A 42 -19.75 -22.87 -15.27
N GLU A 43 -19.11 -23.23 -16.39
CA GLU A 43 -18.45 -24.55 -16.57
C GLU A 43 -17.29 -24.64 -15.58
N LYS A 44 -17.19 -25.76 -14.85
CA LYS A 44 -16.03 -26.01 -13.96
C LYS A 44 -14.80 -26.25 -14.81
N PRO A 45 -13.62 -25.75 -14.38
CA PRO A 45 -12.39 -25.90 -15.14
C PRO A 45 -11.80 -27.30 -14.92
N ASP A 46 -10.92 -27.71 -15.85
CA ASP A 46 -10.10 -28.94 -15.74
C ASP A 46 -9.12 -28.74 -14.57
N PRO A 47 -9.16 -29.59 -13.52
CA PRO A 47 -8.31 -29.40 -12.35
C PRO A 47 -6.80 -29.49 -12.63
N ASN A 48 -6.41 -29.96 -13.81
CA ASN A 48 -4.98 -30.14 -14.20
C ASN A 48 -4.50 -29.00 -15.12
N ASN A 49 -5.34 -28.00 -15.39
N ASN A 49 -5.34 -27.99 -15.37
CA ASN A 49 -5.02 -26.85 -16.28
CA ASN A 49 -5.02 -26.85 -16.27
C ASN A 49 -5.49 -25.54 -15.63
C ASN A 49 -5.49 -25.54 -15.63
N LEU A 50 -5.22 -25.36 -14.33
CA LEU A 50 -5.61 -24.16 -13.53
C LEU A 50 -4.43 -23.19 -13.40
N VAL A 51 -4.61 -21.92 -13.74
CA VAL A 51 -3.64 -20.82 -13.42
C VAL A 51 -4.11 -20.19 -12.10
N PHE A 52 -3.22 -20.07 -11.12
CA PHE A 52 -3.55 -19.55 -9.76
C PHE A 52 -4.31 -18.22 -9.87
N GLY A 53 -5.49 -18.16 -9.24
CA GLY A 53 -6.22 -16.91 -8.94
C GLY A 53 -6.76 -16.25 -10.19
N THR A 54 -7.04 -17.00 -11.26
CA THR A 54 -7.54 -16.44 -12.55
C THR A 54 -8.98 -16.90 -12.83
N VAL A 55 -9.40 -18.02 -12.26
CA VAL A 55 -10.78 -18.58 -12.44
C VAL A 55 -11.54 -18.34 -11.13
N PHE A 56 -12.75 -17.79 -11.22
CA PHE A 56 -13.59 -17.50 -10.04
C PHE A 56 -14.88 -18.32 -10.12
N THR A 57 -15.43 -18.66 -8.95
CA THR A 57 -16.64 -19.51 -8.82
C THR A 57 -17.89 -18.68 -9.10
N ASP A 58 -19.07 -19.25 -8.92
CA ASP A 58 -20.35 -18.62 -9.31
C ASP A 58 -20.73 -17.51 -8.33
N HIS A 59 -20.38 -17.66 -7.05
CA HIS A 59 -20.90 -16.78 -5.96
C HIS A 59 -19.77 -16.11 -5.19
N MET A 60 -20.10 -15.00 -4.54
CA MET A 60 -19.21 -14.23 -3.66
C MET A 60 -19.97 -13.83 -2.41
N LEU A 61 -19.24 -13.51 -1.34
CA LEU A 61 -19.81 -12.90 -0.10
C LEU A 61 -19.53 -11.40 -0.14
N THR A 62 -20.51 -10.56 0.17
CA THR A 62 -20.33 -9.10 0.36
C THR A 62 -21.02 -8.67 1.66
N VAL A 63 -20.37 -7.77 2.40
CA VAL A 63 -20.95 -7.14 3.61
C VAL A 63 -20.55 -5.67 3.62
N GLU A 64 -21.55 -4.79 3.60
CA GLU A 64 -21.35 -3.32 3.67
C GLU A 64 -21.23 -2.88 5.13
N TRP A 65 -20.38 -1.89 5.37
CA TRP A 65 -20.28 -1.20 6.69
C TRP A 65 -20.32 0.31 6.46
N SER A 66 -20.96 1.02 7.39
CA SER A 66 -20.87 2.50 7.53
C SER A 66 -20.69 2.83 9.01
N SER A 67 -20.00 3.94 9.31
CA SER A 67 -19.87 4.47 10.69
C SER A 67 -21.26 4.82 11.22
N GLU A 68 -22.15 5.31 10.36
CA GLU A 68 -23.51 5.81 10.73
C GLU A 68 -24.39 4.65 11.23
N PHE A 69 -24.41 3.52 10.52
CA PHE A 69 -25.39 2.42 10.75
C PHE A 69 -24.70 1.10 11.11
N GLY A 70 -23.37 1.03 11.05
CA GLY A 70 -22.62 -0.20 11.35
C GLY A 70 -22.72 -1.21 10.22
N TRP A 71 -22.61 -2.49 10.55
CA TRP A 71 -22.63 -3.60 9.56
C TRP A 71 -24.03 -3.86 9.05
N GLU A 72 -24.17 -3.89 7.72
CA GLU A 72 -25.39 -4.36 7.03
CA GLU A 72 -25.39 -4.36 7.03
C GLU A 72 -25.43 -5.90 7.09
N LYS A 73 -26.54 -6.50 6.68
CA LYS A 73 -26.66 -7.97 6.61
C LYS A 73 -25.67 -8.48 5.55
N PRO A 74 -25.06 -9.66 5.77
CA PRO A 74 -24.17 -10.25 4.76
C PRO A 74 -24.97 -10.89 3.62
N HIS A 75 -24.42 -10.82 2.40
CA HIS A 75 -25.03 -11.37 1.17
C HIS A 75 -24.10 -12.41 0.54
N ILE A 76 -24.68 -13.55 0.15
CA ILE A 76 -24.06 -14.49 -0.83
C ILE A 76 -24.86 -14.32 -2.12
N LYS A 77 -24.19 -13.87 -3.18
CA LYS A 77 -24.84 -13.51 -4.45
C LYS A 77 -23.89 -13.85 -5.59
N PRO A 78 -24.36 -13.81 -6.86
CA PRO A 78 -23.50 -14.08 -8.00
C PRO A 78 -22.28 -13.16 -8.02
N LEU A 79 -21.12 -13.73 -8.38
CA LEU A 79 -19.90 -12.95 -8.67
C LEU A 79 -20.30 -11.78 -9.56
N GLN A 80 -19.89 -10.57 -9.17
CA GLN A 80 -20.20 -9.34 -9.93
C GLN A 80 -19.03 -8.37 -9.77
N ASN A 81 -18.93 -7.41 -10.69
CA ASN A 81 -18.05 -6.24 -10.49
C ASN A 81 -18.49 -5.49 -9.24
N LEU A 82 -17.55 -4.83 -8.58
CA LEU A 82 -17.86 -3.88 -7.50
C LEU A 82 -18.13 -2.53 -8.14
N SER A 83 -19.16 -1.83 -7.64
CA SER A 83 -19.47 -0.43 -8.04
C SER A 83 -18.89 0.48 -6.96
N LEU A 84 -17.75 1.11 -7.24
CA LEU A 84 -17.00 1.90 -6.23
C LEU A 84 -16.94 3.35 -6.67
N HIS A 85 -17.23 4.26 -5.75
CA HIS A 85 -16.97 5.71 -5.95
C HIS A 85 -15.50 5.83 -6.32
N PRO A 86 -15.15 6.62 -7.36
CA PRO A 86 -13.75 6.73 -7.78
C PRO A 86 -12.84 7.37 -6.72
N GLY A 87 -13.41 8.02 -5.71
CA GLY A 87 -12.69 8.58 -4.55
C GLY A 87 -12.45 7.57 -3.44
N SER A 88 -12.89 6.32 -3.60
CA SER A 88 -12.81 5.24 -2.57
C SER A 88 -11.38 5.17 -2.01
N SER A 89 -11.20 5.18 -0.69
CA SER A 89 -9.85 5.27 -0.08
C SER A 89 -9.01 4.02 -0.41
N ALA A 90 -9.63 2.88 -0.73
CA ALA A 90 -8.88 1.68 -1.18
C ALA A 90 -8.06 1.99 -2.44
N LEU A 91 -8.54 2.90 -3.30
CA LEU A 91 -7.96 3.20 -4.64
C LEU A 91 -6.87 4.28 -4.54
N HIS A 92 -6.91 5.11 -3.49
CA HIS A 92 -6.01 6.28 -3.32
C HIS A 92 -4.94 5.98 -2.25
N TYR A 93 -5.34 5.42 -1.12
CA TYR A 93 -4.49 5.33 0.09
C TYR A 93 -4.36 3.87 0.57
N ALA A 94 -4.66 2.90 -0.29
CA ALA A 94 -4.45 1.47 -0.01
C ALA A 94 -5.08 1.12 1.35
N VAL A 95 -6.27 1.65 1.62
CA VAL A 95 -7.05 1.30 2.83
C VAL A 95 -7.69 -0.07 2.54
N GLU A 96 -6.94 -1.14 2.80
CA GLU A 96 -7.29 -2.49 2.30
C GLU A 96 -6.44 -3.55 2.99
N LEU A 97 -7.00 -4.74 3.11
CA LEU A 97 -6.26 -5.93 3.57
C LEU A 97 -6.91 -7.15 2.95
N PHE A 98 -6.21 -8.28 3.01
CA PHE A 98 -6.72 -9.54 2.43
C PHE A 98 -6.26 -10.70 3.30
N GLU A 99 -6.89 -11.85 3.06
CA GLU A 99 -6.46 -13.15 3.62
C GLU A 99 -6.35 -14.16 2.48
N GLY A 100 -5.74 -15.30 2.79
CA GLY A 100 -5.56 -16.43 1.87
C GLY A 100 -5.60 -17.73 2.63
N LEU A 101 -6.61 -18.55 2.36
CA LEU A 101 -6.77 -19.90 2.96
C LEU A 101 -7.45 -20.78 1.92
N LYS A 102 -7.56 -22.08 2.21
CA LYS A 102 -7.98 -23.06 1.19
C LYS A 102 -9.03 -24.02 1.76
N ALA A 103 -9.92 -24.47 0.88
CA ALA A 103 -10.78 -25.66 1.09
C ALA A 103 -10.23 -26.81 0.25
N PHE A 104 -10.17 -28.02 0.82
CA PHE A 104 -9.60 -29.23 0.19
C PHE A 104 -10.66 -30.32 0.16
N ARG A 105 -10.86 -30.92 -1.02
CA ARG A 105 -11.71 -32.13 -1.17
C ARG A 105 -10.86 -33.34 -0.75
N GLY A 106 -11.24 -33.99 0.34
CA GLY A 106 -10.47 -35.09 0.94
C GLY A 106 -10.53 -36.35 0.10
N VAL A 107 -9.62 -37.28 0.38
CA VAL A 107 -9.61 -38.67 -0.18
C VAL A 107 -10.95 -39.34 0.14
N ASP A 108 -11.63 -38.91 1.21
CA ASP A 108 -12.97 -39.42 1.63
C ASP A 108 -14.10 -38.58 1.04
N ASN A 109 -13.76 -37.63 0.15
CA ASN A 109 -14.72 -36.72 -0.52
C ASN A 109 -15.39 -35.76 0.48
N LYS A 110 -14.82 -35.58 1.67
CA LYS A 110 -15.27 -34.55 2.63
C LYS A 110 -14.43 -33.28 2.41
N ILE A 111 -15.09 -32.13 2.29
CA ILE A 111 -14.41 -30.82 2.10
C ILE A 111 -13.97 -30.31 3.48
N ARG A 112 -12.71 -29.90 3.58
CA ARG A 112 -12.10 -29.45 4.86
C ARG A 112 -11.49 -28.06 4.69
N LEU A 113 -11.66 -27.22 5.71
CA LEU A 113 -10.84 -26.01 5.93
C LEU A 113 -9.65 -26.40 6.81
N PHE A 114 -8.58 -25.63 6.71
CA PHE A 114 -7.28 -25.87 7.39
C PHE A 114 -6.92 -24.63 8.20
N GLN A 115 -6.89 -24.76 9.53
CA GLN A 115 -6.50 -23.69 10.48
C GLN A 115 -7.21 -22.36 10.16
N PRO A 116 -8.51 -22.35 9.78
CA PRO A 116 -9.13 -21.10 9.32
C PRO A 116 -9.28 -20.06 10.43
N ASN A 117 -9.31 -20.48 11.70
CA ASN A 117 -9.42 -19.53 12.83
C ASN A 117 -8.15 -18.66 12.90
N LEU A 118 -7.00 -19.18 12.50
CA LEU A 118 -5.74 -18.37 12.48
C LEU A 118 -5.86 -17.27 11.42
N ASN A 119 -6.48 -17.56 10.28
CA ASN A 119 -6.74 -16.54 9.22
C ASN A 119 -7.71 -15.47 9.76
N MET A 120 -8.75 -15.87 10.48
CA MET A 120 -9.72 -14.92 11.05
C MET A 120 -9.01 -14.03 12.09
N ASP A 121 -8.15 -14.61 12.93
CA ASP A 121 -7.38 -13.86 13.95
C ASP A 121 -6.49 -12.82 13.25
N ARG A 122 -5.76 -13.25 12.22
CA ARG A 122 -4.81 -12.37 11.48
C ARG A 122 -5.60 -11.28 10.77
N MET A 123 -6.74 -11.60 10.16
CA MET A 123 -7.57 -10.61 9.42
C MET A 123 -8.09 -9.56 10.40
N TYR A 124 -8.56 -9.98 11.58
CA TYR A 124 -9.07 -9.06 12.63
C TYR A 124 -7.94 -8.09 13.03
N ARG A 125 -6.75 -8.65 13.33
CA ARG A 125 -5.57 -7.86 13.74
C ARG A 125 -5.17 -6.89 12.63
N SER A 126 -5.20 -7.33 11.37
CA SER A 126 -4.91 -6.48 10.19
C SER A 126 -5.93 -5.34 10.11
N ALA A 127 -7.21 -5.63 10.34
CA ALA A 127 -8.30 -4.62 10.29
C ALA A 127 -8.02 -3.52 11.32
N VAL A 128 -7.67 -3.90 12.55
CA VAL A 128 -7.33 -2.93 13.63
C VAL A 128 -6.15 -2.06 13.18
N ARG A 129 -5.10 -2.65 12.61
CA ARG A 129 -3.91 -1.89 12.18
C ARG A 129 -4.27 -0.98 10.99
N ALA A 130 -5.23 -1.37 10.15
CA ALA A 130 -5.66 -0.62 8.95
C ALA A 130 -6.64 0.50 9.32
N THR A 131 -7.23 0.45 10.51
CA THR A 131 -8.35 1.32 11.01
C THR A 131 -9.64 0.99 10.27
N LEU A 132 -9.74 -0.22 9.70
CA LEU A 132 -11.02 -0.77 9.19
C LEU A 132 -11.83 -1.29 10.37
N PRO A 133 -13.17 -1.34 10.24
CA PRO A 133 -14.04 -1.74 11.34
C PRO A 133 -13.83 -3.20 11.74
N VAL A 134 -13.87 -3.48 13.04
CA VAL A 134 -13.78 -4.86 13.57
C VAL A 134 -15.10 -5.58 13.30
N PHE A 135 -15.05 -6.90 13.34
CA PHE A 135 -16.19 -7.82 13.06
C PHE A 135 -15.99 -9.05 13.95
N ASP A 136 -17.03 -9.87 14.07
CA ASP A 136 -16.97 -11.13 14.84
C ASP A 136 -16.31 -12.20 13.96
N LYS A 137 -15.16 -12.72 14.38
CA LYS A 137 -14.36 -13.74 13.66
C LYS A 137 -15.21 -14.99 13.39
N GLU A 138 -16.00 -15.44 14.38
CA GLU A 138 -16.83 -16.66 14.23
C GLU A 138 -17.93 -16.42 13.18
N GLU A 139 -18.52 -15.21 13.15
CA GLU A 139 -19.58 -14.87 12.17
C GLU A 139 -18.98 -14.86 10.75
N LEU A 140 -17.80 -14.26 10.57
CA LEU A 140 -17.17 -14.26 9.22
C LEU A 140 -16.87 -15.71 8.82
N LEU A 141 -16.30 -16.51 9.71
CA LEU A 141 -15.95 -17.92 9.35
C LEU A 141 -17.23 -18.64 8.93
N GLU A 142 -18.35 -18.46 9.64
CA GLU A 142 -19.60 -19.18 9.29
C GLU A 142 -20.08 -18.69 7.91
N CYS A 143 -19.97 -17.40 7.62
CA CYS A 143 -20.36 -16.84 6.30
C CYS A 143 -19.48 -17.47 5.21
N ILE A 144 -18.18 -17.60 5.46
CA ILE A 144 -17.23 -18.23 4.49
C ILE A 144 -17.63 -19.70 4.29
N GLN A 145 -17.93 -20.42 5.37
CA GLN A 145 -18.35 -21.84 5.27
C GLN A 145 -19.60 -21.94 4.40
N GLN A 146 -20.59 -21.05 4.57
CA GLN A 146 -21.85 -21.10 3.80
C GLN A 146 -21.58 -20.80 2.32
N LEU A 147 -20.63 -19.90 2.05
CA LEU A 147 -20.25 -19.56 0.66
C LEU A 147 -19.58 -20.77 -0.01
N VAL A 148 -18.61 -21.39 0.66
CA VAL A 148 -17.91 -22.61 0.13
C VAL A 148 -18.95 -23.72 -0.05
N LYS A 149 -19.86 -23.89 0.91
CA LYS A 149 -20.92 -24.92 0.84
C LYS A 149 -21.76 -24.72 -0.43
N LEU A 150 -22.20 -23.49 -0.71
CA LEU A 150 -23.03 -23.20 -1.91
C LEU A 150 -22.23 -23.54 -3.17
N ASP A 151 -20.94 -23.16 -3.21
CA ASP A 151 -20.06 -23.38 -4.39
C ASP A 151 -19.20 -24.64 -4.20
N GLN A 152 -19.65 -25.63 -3.42
CA GLN A 152 -18.78 -26.76 -3.01
C GLN A 152 -18.32 -27.57 -4.23
N GLU A 153 -19.10 -27.61 -5.31
CA GLU A 153 -18.73 -28.41 -6.50
C GLU A 153 -17.50 -27.78 -7.19
N TRP A 154 -17.15 -26.54 -6.84
CA TRP A 154 -15.92 -25.86 -7.34
C TRP A 154 -14.68 -26.37 -6.61
N VAL A 155 -14.84 -26.98 -5.43
CA VAL A 155 -13.66 -27.55 -4.72
C VAL A 155 -13.19 -28.73 -5.58
N PRO A 156 -12.00 -28.64 -6.21
CA PRO A 156 -11.63 -29.58 -7.27
C PRO A 156 -11.59 -31.05 -6.85
N TYR A 157 -11.95 -31.91 -7.81
CA TYR A 157 -11.86 -33.39 -7.71
C TYR A 157 -10.44 -33.81 -8.12
N SER A 158 -9.49 -33.51 -7.25
CA SER A 158 -8.04 -33.76 -7.44
C SER A 158 -7.34 -33.57 -6.09
N THR A 159 -6.45 -34.49 -5.74
CA THR A 159 -5.66 -34.46 -4.48
C THR A 159 -4.45 -33.52 -4.64
N SER A 160 -4.31 -32.86 -5.79
CA SER A 160 -3.23 -31.86 -6.03
C SER A 160 -3.82 -30.47 -6.25
N ALA A 161 -5.15 -30.31 -6.22
CA ALA A 161 -5.84 -29.02 -6.43
C ALA A 161 -6.71 -28.69 -5.21
N SER A 162 -7.16 -27.44 -5.14
CA SER A 162 -7.85 -26.89 -3.95
C SER A 162 -8.69 -25.69 -4.34
N LEU A 163 -9.51 -25.20 -3.43
CA LEU A 163 -10.28 -23.94 -3.62
C LEU A 163 -9.63 -22.85 -2.80
N TYR A 164 -9.05 -21.85 -3.46
CA TYR A 164 -8.43 -20.69 -2.77
C TYR A 164 -9.54 -19.74 -2.35
N ILE A 165 -9.49 -19.32 -1.08
CA ILE A 165 -10.48 -18.41 -0.45
C ILE A 165 -9.78 -17.10 -0.18
N ARG A 166 -10.34 -16.00 -0.72
CA ARG A 166 -9.73 -14.66 -0.68
C ARG A 166 -10.71 -13.71 -0.01
N PRO A 167 -10.73 -13.67 1.34
CA PRO A 167 -11.38 -12.58 2.07
C PRO A 167 -10.59 -11.30 1.77
N THR A 168 -11.33 -10.22 1.50
CA THR A 168 -10.79 -8.91 1.10
C THR A 168 -11.62 -7.84 1.81
N PHE A 169 -10.97 -6.78 2.26
CA PHE A 169 -11.59 -5.77 3.13
C PHE A 169 -11.06 -4.42 2.70
N ILE A 170 -11.94 -3.55 2.19
CA ILE A 170 -11.53 -2.29 1.51
C ILE A 170 -12.28 -1.09 2.09
N GLY A 171 -11.58 0.03 2.21
CA GLY A 171 -12.17 1.36 2.46
C GLY A 171 -12.89 1.86 1.23
N THR A 172 -14.14 2.27 1.36
CA THR A 172 -14.98 2.76 0.22
C THR A 172 -15.48 4.17 0.51
N GLU A 173 -14.87 4.86 1.48
CA GLU A 173 -15.09 6.28 1.80
C GLU A 173 -14.90 7.14 0.56
N PRO A 174 -15.91 7.89 0.04
CA PRO A 174 -15.75 8.71 -1.16
C PRO A 174 -15.19 10.10 -0.81
N SER A 175 -13.98 10.11 -0.27
CA SER A 175 -13.31 11.31 0.28
C SER A 175 -11.82 11.20 -0.02
N LEU A 176 -11.20 12.29 -0.47
CA LEU A 176 -9.74 12.32 -0.72
C LEU A 176 -8.98 12.65 0.57
N GLY A 177 -9.65 12.87 1.70
CA GLY A 177 -8.96 13.03 2.99
C GLY A 177 -8.23 11.75 3.35
N VAL A 178 -6.97 11.84 3.83
CA VAL A 178 -6.24 10.66 4.36
C VAL A 178 -6.76 10.43 5.78
N LYS A 179 -7.71 9.50 5.96
CA LYS A 179 -8.50 9.41 7.20
C LYS A 179 -8.96 7.97 7.41
N LYS A 180 -9.22 7.60 8.66
CA LYS A 180 -9.96 6.37 9.01
C LYS A 180 -11.27 6.36 8.20
N PRO A 181 -11.57 5.26 7.49
CA PRO A 181 -12.75 5.22 6.63
C PRO A 181 -14.06 5.18 7.41
N THR A 182 -15.10 5.85 6.89
CA THR A 182 -16.48 5.81 7.46
C THR A 182 -17.37 4.89 6.62
N LYS A 183 -16.81 4.27 5.59
CA LYS A 183 -17.53 3.31 4.70
C LYS A 183 -16.55 2.21 4.33
N ALA A 184 -16.99 0.96 4.31
CA ALA A 184 -16.10 -0.16 3.94
C ALA A 184 -16.93 -1.30 3.36
N LEU A 185 -16.26 -2.16 2.58
CA LEU A 185 -16.83 -3.41 2.03
C LEU A 185 -15.90 -4.56 2.41
N LEU A 186 -16.47 -5.59 3.03
CA LEU A 186 -15.80 -6.89 3.25
C LEU A 186 -16.40 -7.86 2.22
N PHE A 187 -15.56 -8.52 1.43
CA PHE A 187 -16.03 -9.50 0.42
C PHE A 187 -15.11 -10.71 0.43
N VAL A 188 -15.63 -11.81 -0.09
CA VAL A 188 -14.86 -13.08 -0.21
C VAL A 188 -15.06 -13.61 -1.62
N LEU A 189 -13.93 -13.86 -2.30
CA LEU A 189 -13.86 -14.55 -3.60
C LEU A 189 -13.38 -15.98 -3.40
N LEU A 190 -13.83 -16.88 -4.28
CA LEU A 190 -13.34 -18.27 -4.36
C LEU A 190 -12.74 -18.49 -5.75
N SER A 191 -11.59 -19.16 -5.78
CA SER A 191 -10.81 -19.45 -7.00
C SER A 191 -10.24 -20.86 -6.93
N PRO A 192 -10.65 -21.79 -7.82
CA PRO A 192 -10.03 -23.11 -7.88
C PRO A 192 -8.59 -22.95 -8.38
N VAL A 193 -7.64 -23.63 -7.74
CA VAL A 193 -6.19 -23.55 -8.09
C VAL A 193 -5.60 -24.96 -8.09
N GLY A 194 -4.57 -25.15 -8.91
CA GLY A 194 -3.88 -26.44 -9.07
C GLY A 194 -2.66 -26.51 -8.16
N PRO A 195 -1.74 -27.47 -8.39
CA PRO A 195 -0.50 -27.55 -7.64
C PRO A 195 0.37 -26.31 -7.93
N TYR A 196 1.21 -25.90 -6.98
CA TYR A 196 1.99 -24.62 -7.05
C TYR A 196 2.83 -24.59 -8.34
N PHE A 197 3.57 -25.67 -8.62
CA PHE A 197 4.28 -25.91 -9.90
C PHE A 197 3.49 -26.97 -10.70
N SER A 198 3.30 -26.75 -12.00
CA SER A 198 2.48 -27.59 -12.91
C SER A 198 2.89 -29.07 -12.78
N SER A 199 4.18 -29.35 -12.59
CA SER A 199 4.76 -30.71 -12.45
C SER A 199 4.20 -31.44 -11.21
N GLY A 200 3.79 -30.70 -10.18
CA GLY A 200 3.28 -31.25 -8.91
C GLY A 200 4.38 -31.92 -8.09
N THR A 201 5.65 -31.69 -8.44
CA THR A 201 6.86 -32.14 -7.70
C THR A 201 7.69 -30.89 -7.38
N PHE A 202 8.65 -31.00 -6.47
CA PHE A 202 9.53 -29.87 -6.07
C PHE A 202 10.25 -29.32 -7.31
N ASN A 203 9.96 -28.08 -7.67
CA ASN A 203 10.76 -27.24 -8.60
C ASN A 203 11.51 -26.23 -7.75
N PRO A 204 12.78 -26.48 -7.36
CA PRO A 204 13.49 -25.60 -6.43
C PRO A 204 13.64 -24.21 -7.06
N VAL A 205 13.52 -23.16 -6.24
CA VAL A 205 13.50 -21.75 -6.72
C VAL A 205 14.91 -21.15 -6.58
N SER A 206 15.26 -20.30 -7.53
CA SER A 206 16.41 -19.38 -7.50
C SER A 206 15.91 -18.04 -6.94
N LEU A 207 16.64 -17.48 -5.98
CA LEU A 207 16.27 -16.21 -5.30
C LEU A 207 17.18 -15.08 -5.76
N TRP A 208 16.58 -13.91 -5.98
CA TRP A 208 17.28 -12.64 -6.29
C TRP A 208 17.41 -11.85 -4.98
N ALA A 209 18.64 -11.65 -4.51
CA ALA A 209 18.95 -10.94 -3.25
C ALA A 209 19.65 -9.63 -3.57
N ASN A 210 18.87 -8.55 -3.63
CA ASN A 210 19.37 -7.17 -3.84
C ASN A 210 18.99 -6.33 -2.63
N PRO A 211 19.95 -5.91 -1.78
CA PRO A 211 19.63 -5.21 -0.55
C PRO A 211 19.06 -3.80 -0.78
N LYS A 212 19.07 -3.32 -2.03
CA LYS A 212 18.54 -1.97 -2.34
C LYS A 212 17.02 -1.95 -2.13
N TYR A 213 16.34 -3.09 -2.13
CA TYR A 213 14.88 -3.18 -1.88
C TYR A 213 14.64 -3.72 -0.47
N VAL A 214 13.70 -3.09 0.24
CA VAL A 214 13.34 -3.53 1.63
C VAL A 214 11.82 -3.69 1.67
N ARG A 215 11.37 -4.90 1.98
CA ARG A 215 9.94 -5.28 1.98
C ARG A 215 9.20 -4.54 3.09
N ALA A 216 9.84 -4.41 4.25
CA ALA A 216 9.17 -3.96 5.50
C ALA A 216 10.22 -3.41 6.46
N TRP A 217 9.78 -2.54 7.36
CA TRP A 217 10.65 -1.88 8.36
C TRP A 217 9.98 -1.94 9.72
N LYS A 218 10.79 -1.91 10.78
CA LYS A 218 10.31 -1.75 12.17
C LYS A 218 9.46 -0.48 12.25
N GLY A 219 8.21 -0.61 12.72
CA GLY A 219 7.28 0.52 12.87
C GLY A 219 6.40 0.67 11.65
N GLY A 220 6.50 -0.28 10.71
CA GLY A 220 5.63 -0.38 9.52
C GLY A 220 4.55 -1.43 9.72
N THR A 221 3.99 -1.92 8.63
CA THR A 221 2.82 -2.84 8.65
C THR A 221 3.19 -4.20 8.06
N GLY A 222 4.48 -4.54 8.01
CA GLY A 222 5.00 -5.78 7.40
C GLY A 222 4.48 -7.03 8.09
N ASP A 223 4.00 -6.92 9.33
CA ASP A 223 3.49 -8.09 10.09
C ASP A 223 1.98 -8.21 9.92
N CYS A 224 1.38 -7.43 9.01
CA CYS A 224 -0.06 -7.50 8.64
C CYS A 224 -0.20 -7.75 7.15
N LYS A 225 -1.30 -8.39 6.73
CA LYS A 225 -1.58 -8.72 5.32
C LYS A 225 -2.36 -7.54 4.72
N MET A 226 -1.75 -6.36 4.77
CA MET A 226 -2.34 -5.11 4.24
C MET A 226 -1.81 -4.90 2.83
N GLY A 227 -2.68 -4.55 1.89
CA GLY A 227 -2.33 -4.46 0.45
C GLY A 227 -1.10 -3.62 0.21
N GLY A 228 -0.92 -2.56 0.99
CA GLY A 228 0.19 -1.60 0.85
C GLY A 228 1.55 -2.25 0.92
N ASN A 229 1.68 -3.43 1.54
CA ASN A 229 2.96 -4.15 1.68
C ASN A 229 3.38 -4.80 0.36
N TYR A 230 2.49 -4.91 -0.63
CA TYR A 230 2.65 -5.78 -1.83
C TYR A 230 2.88 -4.94 -3.09
N GLY A 231 2.18 -3.81 -3.24
CA GLY A 231 2.29 -2.97 -4.45
C GLY A 231 3.72 -2.52 -4.67
N SER A 232 4.44 -2.30 -3.58
CA SER A 232 5.84 -1.79 -3.54
C SER A 232 6.82 -2.89 -3.97
N SER A 233 6.40 -4.16 -3.98
CA SER A 233 7.28 -5.35 -4.21
C SER A 233 7.39 -5.70 -5.69
N LEU A 234 6.48 -5.20 -6.54
CA LEU A 234 6.34 -5.70 -7.94
C LEU A 234 7.61 -5.38 -8.74
N PHE A 235 8.21 -4.22 -8.49
CA PHE A 235 9.39 -3.76 -9.25
C PHE A 235 10.56 -4.72 -9.00
N ALA A 236 10.80 -5.07 -7.73
CA ALA A 236 11.87 -6.02 -7.33
C ALA A 236 11.59 -7.39 -7.96
N GLN A 237 10.33 -7.84 -7.98
CA GLN A 237 9.94 -9.15 -8.55
C GLN A 237 10.30 -9.15 -10.04
N CYS A 238 9.98 -8.08 -10.76
CA CYS A 238 10.32 -7.94 -12.20
C CYS A 238 11.84 -8.03 -12.39
N GLU A 239 12.61 -7.38 -11.52
CA GLU A 239 14.09 -7.40 -11.58
C GLU A 239 14.58 -8.84 -11.35
N ALA A 240 13.99 -9.54 -10.37
CA ALA A 240 14.29 -10.96 -10.09
C ALA A 240 14.12 -11.79 -11.37
N VAL A 241 12.95 -11.70 -12.02
CA VAL A 241 12.64 -12.50 -13.23
C VAL A 241 13.59 -12.10 -14.36
N ASP A 242 13.91 -10.81 -14.50
CA ASP A 242 14.86 -10.30 -15.53
C ASP A 242 16.23 -10.96 -15.36
N ASN A 243 16.58 -11.37 -14.14
CA ASN A 243 17.90 -11.96 -13.79
C ASN A 243 17.78 -13.47 -13.60
N GLY A 244 16.71 -14.09 -14.13
CA GLY A 244 16.51 -15.55 -14.20
C GLY A 244 16.17 -16.18 -12.85
N CYS A 245 15.66 -15.39 -11.89
CA CYS A 245 15.23 -15.88 -10.55
C CYS A 245 13.70 -15.96 -10.50
N GLN A 246 13.16 -16.83 -9.66
CA GLN A 246 11.68 -17.07 -9.57
C GLN A 246 11.10 -16.24 -8.42
N GLN A 247 11.91 -15.93 -7.39
CA GLN A 247 11.41 -15.21 -6.19
C GLN A 247 12.46 -14.19 -5.74
N VAL A 248 12.01 -13.18 -5.00
CA VAL A 248 12.87 -12.19 -4.31
C VAL A 248 13.24 -12.75 -2.94
N LEU A 249 14.52 -12.68 -2.56
CA LEU A 249 14.95 -12.83 -1.15
C LEU A 249 14.99 -11.44 -0.54
N TRP A 250 14.11 -11.19 0.44
CA TRP A 250 13.96 -9.87 1.09
C TRP A 250 15.02 -9.73 2.18
N LEU A 251 16.00 -8.85 1.94
CA LEU A 251 17.11 -8.56 2.89
C LEU A 251 16.77 -7.31 3.70
N TYR A 252 17.19 -7.28 4.96
CA TYR A 252 16.94 -6.15 5.90
C TYR A 252 18.22 -5.80 6.67
N GLY A 253 18.51 -4.50 6.73
CA GLY A 253 19.46 -3.94 7.71
C GLY A 253 20.90 -4.01 7.25
N GLU A 254 21.80 -3.44 8.04
CA GLU A 254 23.25 -3.32 7.72
C GLU A 254 23.88 -4.71 7.63
N ASP A 255 23.35 -5.70 8.34
CA ASP A 255 23.89 -7.09 8.40
C ASP A 255 23.25 -7.98 7.33
N HIS A 256 22.31 -7.46 6.53
CA HIS A 256 21.65 -8.23 5.43
C HIS A 256 20.98 -9.48 6.01
N GLN A 257 20.09 -9.27 6.98
CA GLN A 257 19.20 -10.34 7.48
C GLN A 257 18.39 -10.87 6.30
N ILE A 258 18.30 -12.20 6.20
CA ILE A 258 17.35 -12.89 5.27
C ILE A 258 16.02 -13.00 6.00
N THR A 259 14.95 -12.45 5.45
CA THR A 259 13.67 -12.28 6.20
C THR A 259 12.58 -13.19 5.63
N GLU A 260 12.31 -13.05 4.34
CA GLU A 260 11.19 -13.73 3.65
C GLU A 260 11.59 -14.00 2.20
N VAL A 261 10.90 -14.94 1.57
CA VAL A 261 11.06 -15.35 0.14
CA VAL A 261 11.08 -15.29 0.13
C VAL A 261 9.76 -15.01 -0.58
N GLY A 262 9.76 -13.99 -1.45
CA GLY A 262 8.55 -13.52 -2.14
C GLY A 262 7.43 -13.22 -1.14
N THR A 263 6.36 -14.01 -1.17
CA THR A 263 5.21 -13.89 -0.23
CA THR A 263 5.20 -13.91 -0.26
C THR A 263 5.20 -15.12 0.68
N MET A 264 6.39 -15.59 1.08
CA MET A 264 6.57 -16.82 1.90
C MET A 264 7.53 -16.56 3.06
N ASN A 265 7.28 -17.20 4.19
CA ASN A 265 8.24 -17.22 5.32
C ASN A 265 9.45 -18.07 4.93
N LEU A 266 10.58 -17.87 5.60
CA LEU A 266 11.89 -18.44 5.25
C LEU A 266 12.34 -19.37 6.37
N PHE A 267 12.63 -20.63 6.04
CA PHE A 267 13.20 -21.63 6.99
C PHE A 267 14.58 -22.06 6.50
N LEU A 268 15.50 -22.22 7.47
CA LEU A 268 16.87 -22.73 7.25
C LEU A 268 17.09 -23.92 8.17
N TYR A 269 17.38 -25.07 7.58
CA TYR A 269 17.69 -26.33 8.30
C TYR A 269 19.19 -26.56 8.15
N TRP A 270 19.91 -26.54 9.27
CA TRP A 270 21.39 -26.45 9.25
C TRP A 270 21.97 -26.93 10.58
N ILE A 271 23.29 -27.06 10.60
CA ILE A 271 24.11 -27.14 11.84
C ILE A 271 24.45 -25.69 12.21
N ASN A 272 24.04 -25.25 13.39
CA ASN A 272 24.23 -23.84 13.83
C ASN A 272 25.68 -23.67 14.29
N GLU A 273 26.03 -22.47 14.77
CA GLU A 273 27.41 -22.06 15.13
C GLU A 273 27.92 -22.89 16.31
N ASP A 274 27.01 -23.48 17.10
CA ASP A 274 27.34 -24.29 18.29
C ASP A 274 27.40 -25.78 17.93
N GLY A 275 27.29 -26.11 16.62
CA GLY A 275 27.37 -27.48 16.11
C GLY A 275 26.12 -28.30 16.35
N GLU A 276 24.98 -27.64 16.63
CA GLU A 276 23.67 -28.28 16.90
C GLU A 276 22.82 -28.28 15.63
N GLU A 277 22.22 -29.42 15.31
CA GLU A 277 21.16 -29.54 14.27
C GLU A 277 20.01 -28.61 14.68
N GLU A 278 19.58 -27.74 13.76
CA GLU A 278 18.65 -26.63 14.09
C GLU A 278 17.77 -26.32 12.89
N LEU A 279 16.47 -26.15 13.13
CA LEU A 279 15.55 -25.46 12.19
C LEU A 279 15.40 -24.02 12.66
N ALA A 280 15.82 -23.05 11.85
CA ALA A 280 15.84 -21.61 12.19
C ALA A 280 14.89 -20.87 11.24
N THR A 281 14.22 -19.86 11.77
CA THR A 281 13.35 -18.94 10.99
C THR A 281 13.43 -17.58 11.66
N PRO A 282 13.38 -16.46 10.91
CA PRO A 282 13.41 -15.14 11.52
C PRO A 282 12.29 -14.94 12.54
N PRO A 283 12.56 -14.19 13.64
CA PRO A 283 11.58 -13.99 14.70
C PRO A 283 10.54 -12.93 14.32
N LEU A 284 9.41 -12.91 15.04
CA LEU A 284 8.32 -11.92 14.77
C LEU A 284 8.65 -10.60 15.46
N ASP A 285 9.57 -9.82 14.88
CA ASP A 285 10.05 -8.54 15.48
C ASP A 285 9.46 -7.35 14.71
N GLY A 286 8.47 -7.61 13.84
CA GLY A 286 7.69 -6.55 13.18
C GLY A 286 7.83 -6.56 11.67
N ILE A 287 8.88 -7.18 11.12
CA ILE A 287 9.14 -7.18 9.65
C ILE A 287 8.80 -8.54 9.04
N ILE A 288 8.22 -9.46 9.81
CA ILE A 288 7.86 -10.83 9.33
C ILE A 288 6.35 -11.00 9.40
N LEU A 289 5.73 -11.43 8.31
CA LEU A 289 4.29 -11.80 8.29
C LEU A 289 4.17 -13.12 9.05
N PRO A 290 3.36 -13.18 10.14
CA PRO A 290 3.19 -14.43 10.88
C PRO A 290 2.33 -15.42 10.06
N GLY A 291 2.99 -16.19 9.21
CA GLY A 291 2.35 -17.19 8.33
C GLY A 291 1.64 -18.28 9.11
N VAL A 292 0.47 -18.71 8.65
CA VAL A 292 -0.20 -19.93 9.16
C VAL A 292 0.71 -21.13 8.90
N THR A 293 1.32 -21.23 7.72
CA THR A 293 2.20 -22.37 7.38
C THR A 293 3.41 -22.35 8.32
N ARG A 294 4.00 -21.17 8.52
CA ARG A 294 5.14 -20.95 9.44
C ARG A 294 4.76 -21.50 10.82
N ARG A 295 3.60 -21.08 11.34
CA ARG A 295 3.07 -21.53 12.66
C ARG A 295 2.99 -23.06 12.68
N CYS A 296 2.38 -23.67 11.66
CA CYS A 296 2.20 -25.14 11.56
C CYS A 296 3.57 -25.83 11.60
N ILE A 297 4.54 -25.33 10.84
CA ILE A 297 5.89 -25.95 10.73
C ILE A 297 6.60 -25.86 12.09
N LEU A 298 6.55 -24.70 12.74
CA LEU A 298 7.15 -24.54 14.10
C LEU A 298 6.46 -25.52 15.06
N ASP A 299 5.13 -25.66 14.98
CA ASP A 299 4.37 -26.57 15.88
C ASP A 299 4.86 -28.00 15.67
N LEU A 300 4.97 -28.43 14.41
CA LEU A 300 5.42 -29.81 14.07
C LEU A 300 6.84 -30.03 14.59
N ALA A 301 7.77 -29.11 14.29
CA ALA A 301 9.19 -29.24 14.68
C ALA A 301 9.32 -29.30 16.20
N HIS A 302 8.53 -28.50 16.91
CA HIS A 302 8.51 -28.50 18.40
C HIS A 302 7.97 -29.85 18.88
N GLN A 303 6.88 -30.32 18.28
CA GLN A 303 6.21 -31.60 18.64
C GLN A 303 7.19 -32.75 18.46
N TRP A 304 7.90 -32.81 17.33
CA TRP A 304 8.80 -33.94 16.99
C TRP A 304 9.94 -34.02 18.02
N GLY A 305 10.47 -32.87 18.45
CA GLY A 305 11.53 -32.80 19.49
C GLY A 305 12.80 -33.52 19.05
N GLU A 306 13.10 -33.51 17.75
CA GLU A 306 14.27 -34.24 17.19
C GLU A 306 15.44 -33.29 16.98
N PHE A 307 15.24 -31.98 17.02
CA PHE A 307 16.31 -30.98 16.81
C PHE A 307 15.90 -29.64 17.39
N LYS A 308 16.86 -28.74 17.57
CA LYS A 308 16.64 -27.38 18.10
C LYS A 308 15.77 -26.61 17.09
N VAL A 309 14.82 -25.83 17.61
CA VAL A 309 13.96 -24.92 16.80
C VAL A 309 14.22 -23.51 17.32
N SER A 310 14.69 -22.61 16.46
CA SER A 310 15.14 -21.26 16.88
C SER A 310 14.48 -20.21 16.01
N GLU A 311 13.76 -19.28 16.62
CA GLU A 311 13.33 -18.03 15.96
C GLU A 311 14.43 -17.02 16.23
N ARG A 312 15.26 -16.79 15.22
CA ARG A 312 16.53 -16.06 15.38
C ARG A 312 16.86 -15.34 14.08
N TYR A 313 17.70 -14.31 14.18
CA TYR A 313 18.23 -13.58 13.00
C TYR A 313 19.16 -14.52 12.24
N LEU A 314 19.06 -14.46 10.91
CA LEU A 314 19.92 -15.20 9.96
C LEU A 314 20.39 -14.17 8.92
N THR A 315 21.70 -14.00 8.79
CA THR A 315 22.28 -13.02 7.83
C THR A 315 22.88 -13.77 6.64
N MET A 316 23.10 -13.04 5.54
CA MET A 316 23.81 -13.61 4.36
C MET A 316 25.17 -14.15 4.82
N ASP A 317 25.89 -13.43 5.69
CA ASP A 317 27.22 -13.88 6.20
C ASP A 317 27.06 -15.14 7.05
N ASP A 318 26.03 -15.23 7.89
CA ASP A 318 25.74 -16.49 8.63
C ASP A 318 25.63 -17.64 7.62
N LEU A 319 24.90 -17.43 6.54
CA LEU A 319 24.55 -18.49 5.54
C LEU A 319 25.82 -18.88 4.77
N THR A 320 26.60 -17.92 4.27
CA THR A 320 27.80 -18.21 3.44
C THR A 320 28.89 -18.85 4.34
N THR A 321 29.02 -18.43 5.59
CA THR A 321 29.95 -19.06 6.57
C THR A 321 29.54 -20.53 6.74
N ALA A 322 28.24 -20.80 6.90
CA ALA A 322 27.68 -22.16 7.07
C ALA A 322 27.93 -22.99 5.81
N LEU A 323 27.69 -22.43 4.62
CA LEU A 323 27.89 -23.16 3.34
C LEU A 323 29.36 -23.55 3.20
N GLU A 324 30.28 -22.64 3.52
CA GLU A 324 31.75 -22.87 3.49
C GLU A 324 32.11 -24.03 4.43
N GLY A 325 31.37 -24.20 5.54
CA GLY A 325 31.60 -25.27 6.53
C GLY A 325 30.75 -26.51 6.28
N ASN A 326 30.06 -26.59 5.14
CA ASN A 326 29.16 -27.72 4.77
C ASN A 326 28.13 -27.95 5.89
N ARG A 327 27.61 -26.89 6.49
CA ARG A 327 26.68 -26.94 7.66
C ARG A 327 25.22 -26.79 7.22
N VAL A 328 24.95 -26.38 5.97
CA VAL A 328 23.55 -26.15 5.50
C VAL A 328 22.99 -27.47 4.95
N ARG A 329 21.77 -27.83 5.35
CA ARG A 329 21.03 -29.01 4.81
CA ARG A 329 21.03 -29.01 4.81
C ARG A 329 19.97 -28.52 3.82
N GLU A 330 19.05 -27.69 4.27
CA GLU A 330 17.89 -27.27 3.42
C GLU A 330 17.51 -25.82 3.71
N MET A 331 17.00 -25.14 2.69
CA MET A 331 16.30 -23.85 2.82
C MET A 331 14.99 -23.97 2.06
N PHE A 332 13.89 -23.49 2.63
CA PHE A 332 12.58 -23.49 1.94
C PHE A 332 11.73 -22.32 2.42
N GLY A 333 10.88 -21.84 1.51
CA GLY A 333 9.78 -20.92 1.80
C GLY A 333 8.55 -21.69 2.27
N SER A 334 7.70 -21.05 3.06
CA SER A 334 6.41 -21.62 3.51
C SER A 334 5.30 -20.61 3.22
N GLY A 335 4.14 -21.12 2.81
CA GLY A 335 2.96 -20.29 2.54
C GLY A 335 1.80 -21.14 2.08
N THR A 336 0.59 -20.59 2.10
CA THR A 336 -0.65 -21.31 1.75
C THR A 336 -0.53 -21.83 0.31
N ALA A 337 0.01 -21.03 -0.60
CA ALA A 337 0.01 -21.33 -2.06
C ALA A 337 0.96 -22.50 -2.34
N CYS A 338 2.15 -22.52 -1.75
CA CYS A 338 3.20 -23.51 -2.08
C CYS A 338 3.27 -24.64 -1.06
N VAL A 339 2.84 -24.39 0.18
CA VAL A 339 3.10 -25.20 1.39
C VAL A 339 4.59 -25.12 1.72
N VAL A 340 5.43 -25.85 1.00
CA VAL A 340 6.91 -25.90 1.18
C VAL A 340 7.57 -25.71 -0.19
N CYS A 341 8.37 -24.65 -0.34
CA CYS A 341 9.03 -24.25 -1.61
C CYS A 341 10.54 -24.30 -1.42
N PRO A 342 11.20 -25.45 -1.74
CA PRO A 342 12.64 -25.56 -1.62
C PRO A 342 13.40 -24.50 -2.44
N VAL A 343 14.53 -24.06 -1.88
CA VAL A 343 15.43 -23.03 -2.46
C VAL A 343 16.73 -23.73 -2.86
N SER A 344 17.16 -23.57 -4.11
CA SER A 344 18.40 -24.19 -4.63
C SER A 344 19.54 -23.18 -4.77
N ASP A 345 19.25 -21.88 -4.94
CA ASP A 345 20.30 -20.89 -5.27
CA ASP A 345 20.33 -20.90 -5.16
C ASP A 345 19.86 -19.47 -4.86
N ILE A 346 20.83 -18.62 -4.54
CA ILE A 346 20.64 -17.18 -4.25
C ILE A 346 21.66 -16.41 -5.10
N LEU A 347 21.19 -15.44 -5.87
CA LEU A 347 22.06 -14.50 -6.64
C LEU A 347 22.27 -13.26 -5.76
N TYR A 348 23.52 -13.03 -5.37
CA TYR A 348 23.90 -12.01 -4.35
C TYR A 348 25.30 -11.48 -4.69
N LYS A 349 25.42 -10.16 -4.81
CA LYS A 349 26.71 -9.46 -5.11
C LYS A 349 27.36 -10.09 -6.36
N GLY A 350 26.55 -10.43 -7.36
CA GLY A 350 27.01 -10.94 -8.67
C GLY A 350 27.46 -12.40 -8.64
N GLU A 351 27.27 -13.10 -7.52
CA GLU A 351 27.63 -14.54 -7.36
C GLU A 351 26.33 -15.36 -7.27
N THR A 352 26.32 -16.53 -7.89
CA THR A 352 25.26 -17.55 -7.70
C THR A 352 25.72 -18.45 -6.55
N ILE A 353 25.00 -18.41 -5.44
CA ILE A 353 25.33 -19.15 -4.20
C ILE A 353 24.43 -20.39 -4.17
N HIS A 354 25.02 -21.57 -4.26
CA HIS A 354 24.25 -22.83 -4.30
C HIS A 354 23.83 -23.19 -2.87
N ILE A 355 22.56 -23.52 -2.69
CA ILE A 355 22.01 -24.08 -1.42
C ILE A 355 21.75 -25.56 -1.68
N PRO A 356 22.34 -26.48 -0.88
CA PRO A 356 22.28 -27.91 -1.19
C PRO A 356 20.98 -28.62 -0.78
N THR A 357 19.88 -27.89 -0.76
CA THR A 357 18.54 -28.38 -0.36
C THR A 357 18.22 -29.70 -1.06
N MET A 358 18.34 -29.73 -2.39
CA MET A 358 17.85 -30.87 -3.20
C MET A 358 18.84 -32.04 -3.11
N GLU A 359 20.08 -31.81 -2.65
CA GLU A 359 21.11 -32.87 -2.45
CA GLU A 359 21.09 -32.88 -2.45
C GLU A 359 20.96 -33.48 -1.05
N ASN A 360 20.07 -32.92 -0.22
CA ASN A 360 19.84 -33.39 1.17
C ASN A 360 18.40 -33.93 1.27
N GLY A 361 17.85 -34.42 0.16
CA GLY A 361 16.53 -35.09 0.08
C GLY A 361 15.62 -34.39 -0.90
N PRO A 362 14.98 -33.25 -0.54
CA PRO A 362 15.13 -32.61 0.77
C PRO A 362 14.27 -33.30 1.84
N LYS A 363 14.93 -33.90 2.84
CA LYS A 363 14.28 -34.81 3.83
C LYS A 363 13.24 -34.05 4.65
N LEU A 364 13.62 -32.93 5.29
CA LEU A 364 12.71 -32.20 6.21
C LEU A 364 11.58 -31.56 5.39
N ALA A 365 11.90 -30.89 4.28
CA ALA A 365 10.90 -30.25 3.40
C ALA A 365 9.85 -31.30 2.97
N SER A 366 10.31 -32.48 2.54
CA SER A 366 9.42 -33.57 2.07
C SER A 366 8.53 -34.05 3.22
N ARG A 367 9.12 -34.22 4.40
CA ARG A 367 8.39 -34.68 5.61
C ARG A 367 7.28 -33.68 5.95
N ILE A 368 7.60 -32.39 5.95
CA ILE A 368 6.62 -31.30 6.25
C ILE A 368 5.51 -31.34 5.19
N LEU A 369 5.88 -31.37 3.91
CA LEU A 369 4.90 -31.33 2.80
C LEU A 369 3.95 -32.52 2.95
N SER A 370 4.50 -33.71 3.17
CA SER A 370 3.70 -34.96 3.31
C SER A 370 2.74 -34.81 4.49
N LYS A 371 3.22 -34.33 5.64
CA LYS A 371 2.40 -34.18 6.87
C LYS A 371 1.25 -33.20 6.61
N LEU A 372 1.56 -32.01 6.07
CA LEU A 372 0.53 -30.95 5.91
C LEU A 372 -0.49 -31.40 4.85
N THR A 373 -0.05 -32.02 3.75
CA THR A 373 -0.97 -32.44 2.66
C THR A 373 -1.82 -33.61 3.15
N ASP A 374 -1.26 -34.52 3.96
CA ASP A 374 -2.03 -35.66 4.54
C ASP A 374 -3.17 -35.09 5.38
N ILE A 375 -2.88 -34.05 6.19
CA ILE A 375 -3.89 -33.38 7.06
C ILE A 375 -4.92 -32.67 6.16
N GLN A 376 -4.47 -31.87 5.20
CA GLN A 376 -5.38 -31.07 4.32
C GLN A 376 -6.40 -31.97 3.63
N TYR A 377 -5.96 -33.12 3.10
CA TYR A 377 -6.78 -34.02 2.26
C TYR A 377 -7.40 -35.16 3.09
N GLY A 378 -7.33 -35.07 4.41
CA GLY A 378 -8.02 -35.98 5.34
C GLY A 378 -7.47 -37.39 5.30
N ARG A 379 -6.19 -37.57 4.95
CA ARG A 379 -5.51 -38.89 5.01
C ARG A 379 -5.19 -39.22 6.47
N GLU A 380 -5.17 -38.22 7.36
CA GLU A 380 -5.08 -38.45 8.82
C GLU A 380 -5.93 -37.41 9.57
N GLU A 381 -6.45 -37.80 10.74
CA GLU A 381 -7.26 -36.91 11.61
C GLU A 381 -6.34 -35.83 12.17
N ARG A 382 -6.88 -34.63 12.42
CA ARG A 382 -6.12 -33.49 12.98
C ARG A 382 -7.09 -32.44 13.54
N ASP A 383 -6.71 -31.79 14.63
CA ASP A 383 -7.46 -30.65 15.22
C ASP A 383 -7.33 -29.44 14.30
N TRP A 384 -6.44 -29.48 13.30
CA TRP A 384 -6.15 -28.34 12.39
C TRP A 384 -7.18 -28.25 11.27
N THR A 385 -8.03 -29.26 11.06
CA THR A 385 -9.01 -29.25 9.96
C THR A 385 -10.44 -29.23 10.53
N ILE A 386 -11.34 -28.60 9.78
CA ILE A 386 -12.81 -28.56 10.03
C ILE A 386 -13.50 -29.08 8.77
N VAL A 387 -14.39 -30.06 8.90
CA VAL A 387 -15.26 -30.52 7.77
C VAL A 387 -16.30 -29.42 7.54
N LEU A 388 -16.64 -29.14 6.28
CA LEU A 388 -17.47 -27.98 5.87
C LEU A 388 -18.85 -28.05 6.55
N SER A 389 -19.36 -26.90 6.97
CA SER A 389 -20.68 -26.68 7.62
C SER A 389 -21.76 -27.52 6.93
N VAL B 24 -0.05 -2.65 -28.15
CA VAL B 24 -0.39 -2.12 -29.51
C VAL B 24 -0.30 -0.59 -29.48
N VAL B 25 -1.35 0.10 -28.99
CA VAL B 25 -1.40 1.58 -28.87
C VAL B 25 -0.50 1.99 -27.71
N GLY B 26 0.71 2.43 -28.03
CA GLY B 26 1.77 2.75 -27.07
C GLY B 26 1.29 3.70 -25.98
N THR B 27 0.62 4.79 -26.36
CA THR B 27 0.08 5.81 -25.42
C THR B 27 -1.10 6.54 -26.03
N PHE B 28 -2.04 6.98 -25.18
CA PHE B 28 -3.28 7.69 -25.58
C PHE B 28 -2.92 9.12 -26.01
N LYS B 29 -3.79 9.75 -26.79
CA LYS B 29 -3.61 11.13 -27.30
C LYS B 29 -4.85 11.97 -26.99
N ALA B 30 -4.64 13.22 -26.55
CA ALA B 30 -5.72 14.19 -26.25
C ALA B 30 -6.56 14.42 -27.50
N LYS B 31 -5.97 14.34 -28.70
CA LYS B 31 -6.70 14.56 -29.98
C LYS B 31 -7.80 13.51 -30.14
N ASP B 32 -7.67 12.36 -29.47
CA ASP B 32 -8.62 11.22 -29.56
C ASP B 32 -9.71 11.31 -28.48
N LEU B 33 -9.70 12.35 -27.65
CA LEU B 33 -10.68 12.52 -26.53
C LEU B 33 -12.10 12.31 -27.07
N ILE B 34 -12.85 11.45 -26.40
CA ILE B 34 -14.31 11.25 -26.61
C ILE B 34 -15.02 11.94 -25.45
N VAL B 35 -15.77 13.00 -25.74
CA VAL B 35 -16.43 13.84 -24.69
C VAL B 35 -17.92 13.49 -24.66
N THR B 36 -18.37 12.97 -23.53
CA THR B 36 -19.81 12.71 -23.21
C THR B 36 -20.25 13.71 -22.15
N PRO B 37 -20.80 14.89 -22.53
CA PRO B 37 -21.20 15.87 -21.52
C PRO B 37 -22.37 15.38 -20.66
N ALA B 38 -22.37 15.74 -19.38
CA ALA B 38 -23.46 15.49 -18.43
C ALA B 38 -24.70 16.26 -18.91
N THR B 39 -25.88 15.67 -18.70
CA THR B 39 -27.22 16.25 -19.03
C THR B 39 -27.59 17.29 -17.99
N ILE B 40 -27.44 16.93 -16.72
CA ILE B 40 -27.87 17.75 -15.55
C ILE B 40 -26.60 18.16 -14.80
N LEU B 41 -26.30 19.45 -14.78
CA LEU B 41 -25.11 19.97 -14.07
C LEU B 41 -25.48 20.22 -12.60
N LYS B 42 -24.57 19.87 -11.69
CA LYS B 42 -24.80 19.93 -10.22
C LYS B 42 -24.65 21.37 -9.72
N GLU B 43 -25.32 21.71 -8.61
CA GLU B 43 -25.15 23.04 -7.97
C GLU B 43 -23.75 23.08 -7.35
N LYS B 44 -23.05 24.19 -7.54
CA LYS B 44 -21.69 24.43 -7.00
C LYS B 44 -21.80 24.62 -5.50
N PRO B 45 -20.78 24.19 -4.72
CA PRO B 45 -20.79 24.39 -3.27
C PRO B 45 -20.40 25.83 -2.90
N ASP B 46 -20.77 26.27 -1.69
CA ASP B 46 -20.25 27.52 -1.06
C ASP B 46 -18.78 27.27 -0.75
N PRO B 47 -17.83 28.06 -1.30
CA PRO B 47 -16.40 27.81 -1.08
C PRO B 47 -15.95 27.93 0.38
N ASN B 48 -16.78 28.48 1.27
CA ASN B 48 -16.46 28.70 2.70
C ASN B 48 -17.14 27.66 3.60
N ASN B 49 -17.78 26.64 3.00
CA ASN B 49 -18.39 25.50 3.74
C ASN B 49 -18.03 24.18 3.03
N LEU B 50 -16.81 24.09 2.49
CA LEU B 50 -16.28 22.93 1.74
C LEU B 50 -15.36 22.13 2.68
N VAL B 51 -15.58 20.81 2.78
CA VAL B 51 -14.63 19.84 3.38
C VAL B 51 -13.72 19.35 2.25
N PHE B 52 -12.41 19.38 2.44
CA PHE B 52 -11.41 18.99 1.40
C PHE B 52 -11.77 17.61 0.83
N GLY B 53 -11.87 17.53 -0.50
CA GLY B 53 -11.90 16.26 -1.25
C GLY B 53 -13.18 15.48 -1.04
N THR B 54 -14.30 16.14 -0.72
CA THR B 54 -15.61 15.47 -0.49
C THR B 54 -16.62 15.86 -1.57
N VAL B 55 -16.40 16.99 -2.25
CA VAL B 55 -17.32 17.47 -3.33
C VAL B 55 -16.57 17.28 -4.66
N PHE B 56 -17.24 16.67 -5.64
CA PHE B 56 -16.67 16.37 -6.97
C PHE B 56 -17.47 17.11 -8.03
N THR B 57 -16.78 17.49 -9.12
CA THR B 57 -17.36 18.27 -10.24
C THR B 57 -18.22 17.35 -11.12
N ASP B 58 -18.70 17.85 -12.25
CA ASP B 58 -19.68 17.14 -13.11
C ASP B 58 -19.00 16.01 -13.89
N HIS B 59 -17.73 16.20 -14.28
CA HIS B 59 -17.04 15.32 -15.25
C HIS B 59 -15.75 14.74 -14.66
N MET B 60 -15.34 13.61 -15.23
CA MET B 60 -14.06 12.94 -14.90
C MET B 60 -13.39 12.52 -16.21
N LEU B 61 -12.08 12.29 -16.15
CA LEU B 61 -11.31 11.66 -17.25
C LEU B 61 -11.09 10.19 -16.90
N THR B 62 -11.30 9.30 -17.87
CA THR B 62 -10.94 7.85 -17.75
C THR B 62 -10.18 7.42 -18.99
N VAL B 63 -9.14 6.61 -18.80
CA VAL B 63 -8.40 5.96 -19.91
C VAL B 63 -8.08 4.53 -19.50
N GLU B 64 -8.58 3.57 -20.27
CA GLU B 64 -8.35 2.13 -20.06
C GLU B 64 -7.04 1.73 -20.74
N TRP B 65 -6.31 0.81 -20.10
CA TRP B 65 -5.12 0.15 -20.69
C TRP B 65 -5.25 -1.36 -20.52
N SER B 66 -4.78 -2.10 -21.52
CA SER B 66 -4.54 -3.57 -21.45
C SER B 66 -3.19 -3.86 -22.11
N SER B 67 -2.50 -4.90 -21.65
CA SER B 67 -1.26 -5.43 -22.28
C SER B 67 -1.55 -5.81 -23.73
N GLU B 68 -2.73 -6.38 -23.98
CA GLU B 68 -3.13 -6.96 -25.30
C GLU B 68 -3.28 -5.84 -26.35
N PHE B 69 -3.94 -4.73 -26.01
CA PHE B 69 -4.37 -3.69 -26.98
C PHE B 69 -3.74 -2.32 -26.67
N GLY B 70 -3.03 -2.19 -25.55
CA GLY B 70 -2.44 -0.91 -25.12
C GLY B 70 -3.48 0.06 -24.61
N TRP B 71 -3.24 1.35 -24.79
CA TRP B 71 -4.15 2.43 -24.31
C TRP B 71 -5.35 2.55 -25.24
N GLU B 72 -6.54 2.53 -24.66
CA GLU B 72 -7.80 2.92 -25.34
C GLU B 72 -7.82 4.45 -25.48
N LYS B 73 -8.77 4.97 -26.25
CA LYS B 73 -8.96 6.43 -26.38
C LYS B 73 -9.38 6.97 -25.03
N PRO B 74 -8.96 8.20 -24.66
CA PRO B 74 -9.37 8.81 -23.40
C PRO B 74 -10.81 9.34 -23.49
N HIS B 75 -11.53 9.28 -22.36
CA HIS B 75 -12.93 9.77 -22.25
C HIS B 75 -13.01 10.86 -21.19
N ILE B 76 -13.72 11.94 -21.52
CA ILE B 76 -14.28 12.90 -20.53
C ILE B 76 -15.78 12.65 -20.50
N LYS B 77 -16.28 12.23 -19.35
CA LYS B 77 -17.67 11.77 -19.19
C LYS B 77 -18.16 12.15 -17.80
N PRO B 78 -19.47 12.02 -17.53
CA PRO B 78 -20.00 12.37 -16.22
C PRO B 78 -19.32 11.56 -15.11
N LEU B 79 -19.05 12.21 -13.98
CA LEU B 79 -18.61 11.50 -12.75
C LEU B 79 -19.52 10.29 -12.56
N GLN B 80 -18.92 9.13 -12.38
CA GLN B 80 -19.64 7.86 -12.19
C GLN B 80 -18.83 6.96 -11.25
N ASN B 81 -19.50 5.98 -10.65
CA ASN B 81 -18.78 4.89 -9.95
C ASN B 81 -17.94 4.14 -10.98
N LEU B 82 -16.83 3.57 -10.53
CA LEU B 82 -16.02 2.64 -11.34
C LEU B 82 -16.60 1.24 -11.19
N SER B 83 -16.67 0.50 -12.30
CA SER B 83 -17.08 -0.93 -12.31
C SER B 83 -15.82 -1.78 -12.38
N LEU B 84 -15.41 -2.34 -11.24
CA LEU B 84 -14.10 -3.04 -11.11
C LEU B 84 -14.33 -4.51 -10.78
N HIS B 85 -13.63 -5.40 -11.45
CA HIS B 85 -13.55 -6.83 -11.04
C HIS B 85 -13.10 -6.86 -9.59
N PRO B 86 -13.75 -7.63 -8.70
CA PRO B 86 -13.36 -7.66 -7.29
C PRO B 86 -11.96 -8.21 -7.04
N GLY B 87 -11.35 -8.88 -8.04
CA GLY B 87 -9.97 -9.35 -8.01
C GLY B 87 -8.95 -8.30 -8.43
N SER B 88 -9.40 -7.07 -8.75
CA SER B 88 -8.54 -5.96 -9.24
C SER B 88 -7.35 -5.79 -8.30
N SER B 89 -6.12 -5.77 -8.83
CA SER B 89 -4.91 -5.76 -7.97
C SER B 89 -4.82 -4.47 -7.15
N ALA B 90 -5.49 -3.37 -7.55
CA ALA B 90 -5.54 -2.13 -6.74
C ALA B 90 -6.17 -2.42 -5.36
N LEU B 91 -7.09 -3.40 -5.29
CA LEU B 91 -7.88 -3.71 -4.06
C LEU B 91 -7.13 -4.72 -3.17
N HIS B 92 -6.23 -5.53 -3.74
CA HIS B 92 -5.54 -6.65 -3.04
C HIS B 92 -4.10 -6.27 -2.68
N TYR B 93 -3.37 -5.68 -3.63
CA TYR B 93 -1.90 -5.47 -3.51
C TYR B 93 -1.55 -4.00 -3.72
N ALA B 94 -2.53 -3.09 -3.55
CA ALA B 94 -2.31 -1.63 -3.58
C ALA B 94 -1.50 -1.26 -4.84
N VAL B 95 -1.83 -1.88 -5.97
CA VAL B 95 -1.23 -1.52 -7.29
C VAL B 95 -1.91 -0.22 -7.74
N GLU B 96 -1.39 0.90 -7.25
CA GLU B 96 -2.08 2.21 -7.35
C GLU B 96 -1.12 3.35 -7.01
N LEU B 97 -1.37 4.50 -7.62
CA LEU B 97 -0.67 5.74 -7.28
C LEU B 97 -1.59 6.91 -7.60
N PHE B 98 -1.25 8.09 -7.08
CA PHE B 98 -2.06 9.30 -7.30
C PHE B 98 -1.14 10.52 -7.42
N GLU B 99 -1.74 11.61 -7.88
CA GLU B 99 -1.12 12.94 -7.87
C GLU B 99 -2.08 13.93 -7.23
N GLY B 100 -1.56 15.11 -6.94
CA GLY B 100 -2.32 16.23 -6.35
C GLY B 100 -1.76 17.53 -6.87
N LEU B 101 -2.57 18.28 -7.62
CA LEU B 101 -2.20 19.63 -8.12
C LEU B 101 -3.49 20.46 -8.19
N LYS B 102 -3.35 21.75 -8.47
CA LYS B 102 -4.49 22.68 -8.35
C LYS B 102 -4.62 23.56 -9.59
N ALA B 103 -5.86 23.94 -9.88
CA ALA B 103 -6.20 25.07 -10.76
C ALA B 103 -6.65 26.24 -9.87
N PHE B 104 -6.18 27.45 -10.18
CA PHE B 104 -6.45 28.69 -9.42
C PHE B 104 -7.07 29.72 -10.37
N ARG B 105 -8.21 30.30 -9.97
CA ARG B 105 -8.82 31.43 -10.70
C ARG B 105 -8.11 32.71 -10.27
N GLY B 106 -7.41 33.35 -11.19
CA GLY B 106 -6.60 34.55 -10.92
C GLY B 106 -7.44 35.76 -10.60
N VAL B 107 -6.82 36.78 -10.01
CA VAL B 107 -7.42 38.13 -9.79
C VAL B 107 -7.86 38.70 -11.14
N ASP B 108 -7.24 38.27 -12.24
CA ASP B 108 -7.58 38.68 -13.64
C ASP B 108 -8.61 37.73 -14.26
N ASN B 109 -9.14 36.79 -13.47
CA ASN B 109 -10.16 35.79 -13.88
C ASN B 109 -9.59 34.82 -14.93
N LYS B 110 -8.27 34.70 -15.04
CA LYS B 110 -7.63 33.64 -15.87
C LYS B 110 -7.32 32.45 -14.95
N ILE B 111 -7.71 31.25 -15.37
CA ILE B 111 -7.44 30.00 -14.62
C ILE B 111 -6.02 29.56 -14.93
N ARG B 112 -5.25 29.24 -13.90
CA ARG B 112 -3.83 28.85 -14.02
C ARG B 112 -3.61 27.51 -13.35
N LEU B 113 -2.81 26.67 -14.00
CA LEU B 113 -2.15 25.51 -13.36
C LEU B 113 -0.79 25.99 -12.82
N PHE B 114 -0.28 25.27 -11.83
CA PHE B 114 0.96 25.60 -11.09
C PHE B 114 1.92 24.43 -11.23
N GLN B 115 3.02 24.62 -11.95
CA GLN B 115 4.11 23.62 -12.13
C GLN B 115 3.53 22.25 -12.50
N PRO B 116 2.50 22.11 -13.37
CA PRO B 116 1.84 20.83 -13.58
C PRO B 116 2.74 19.77 -14.25
N ASN B 117 3.75 20.21 -15.00
N ASN B 117 3.73 20.23 -15.02
CA ASN B 117 4.70 19.27 -15.66
CA ASN B 117 4.74 19.34 -15.66
C ASN B 117 5.51 18.52 -14.58
C ASN B 117 5.47 18.52 -14.57
N LEU B 118 5.76 19.13 -13.41
CA LEU B 118 6.46 18.44 -12.30
C LEU B 118 5.59 17.28 -11.78
N ASN B 119 4.27 17.49 -11.68
CA ASN B 119 3.31 16.43 -11.27
C ASN B 119 3.30 15.32 -12.31
N MET B 120 3.32 15.65 -13.60
CA MET B 120 3.33 14.63 -14.69
C MET B 120 4.62 13.80 -14.60
N ASP B 121 5.76 14.46 -14.38
CA ASP B 121 7.08 13.79 -14.22
C ASP B 121 7.02 12.83 -13.02
N ARG B 122 6.53 13.31 -11.88
CA ARG B 122 6.49 12.52 -10.63
C ARG B 122 5.54 11.34 -10.82
N MET B 123 4.39 11.56 -11.46
CA MET B 123 3.39 10.48 -11.71
C MET B 123 4.01 9.41 -12.61
N TYR B 124 4.73 9.81 -13.66
CA TYR B 124 5.40 8.89 -14.61
C TYR B 124 6.42 8.04 -13.83
N ARG B 125 7.26 8.68 -13.03
CA ARG B 125 8.31 8.02 -12.20
C ARG B 125 7.63 7.02 -11.25
N SER B 126 6.54 7.41 -10.61
CA SER B 126 5.75 6.55 -9.68
C SER B 126 5.19 5.35 -10.46
N ALA B 127 4.67 5.56 -11.67
CA ALA B 127 4.09 4.49 -12.50
C ALA B 127 5.16 3.43 -12.81
N VAL B 128 6.36 3.86 -13.20
CA VAL B 128 7.50 2.94 -13.47
C VAL B 128 7.79 2.12 -12.21
N ARG B 129 7.86 2.76 -11.05
CA ARG B 129 8.22 2.02 -9.81
CA ARG B 129 8.18 2.09 -9.74
C ARG B 129 7.05 1.12 -9.38
N ALA B 130 5.81 1.44 -9.75
CA ALA B 130 4.61 0.64 -9.43
C ALA B 130 4.43 -0.52 -10.42
N THR B 131 5.13 -0.48 -11.57
CA THR B 131 5.00 -1.40 -12.75
C THR B 131 3.64 -1.17 -13.44
N LEU B 132 3.04 0.01 -13.25
CA LEU B 132 1.88 0.45 -14.06
C LEU B 132 2.38 0.93 -15.42
N PRO B 133 1.54 0.85 -16.47
CA PRO B 133 1.98 1.16 -17.82
C PRO B 133 2.35 2.64 -17.98
N VAL B 134 3.42 2.91 -18.74
CA VAL B 134 3.86 4.31 -18.98
C VAL B 134 2.87 4.96 -19.95
N PHE B 135 2.85 6.29 -19.93
CA PHE B 135 1.93 7.11 -20.73
C PHE B 135 2.71 8.34 -21.18
N ASP B 136 2.20 9.04 -22.18
CA ASP B 136 2.81 10.30 -22.67
C ASP B 136 2.39 11.43 -21.74
N LYS B 137 3.33 12.00 -21.00
CA LYS B 137 3.08 13.03 -19.94
C LYS B 137 2.39 14.24 -20.57
N GLU B 138 2.81 14.68 -21.75
CA GLU B 138 2.23 15.88 -22.42
C GLU B 138 0.76 15.59 -22.77
N GLU B 139 0.46 14.37 -23.22
CA GLU B 139 -0.93 13.99 -23.61
C GLU B 139 -1.82 13.94 -22.35
N LEU B 140 -1.33 13.38 -21.25
CA LEU B 140 -2.14 13.39 -19.99
C LEU B 140 -2.39 14.84 -19.57
N LEU B 141 -1.36 15.69 -19.58
CA LEU B 141 -1.57 17.11 -19.17
C LEU B 141 -2.63 17.75 -20.06
N GLU B 142 -2.60 17.52 -21.38
CA GLU B 142 -3.60 18.15 -22.28
C GLU B 142 -4.99 17.60 -21.95
N CYS B 143 -5.12 16.31 -21.65
CA CYS B 143 -6.42 15.71 -21.25
C CYS B 143 -6.91 16.37 -19.97
N ILE B 144 -6.02 16.60 -19.01
CA ILE B 144 -6.37 17.26 -17.71
C ILE B 144 -6.83 18.69 -18.00
N GLN B 145 -6.11 19.41 -18.86
CA GLN B 145 -6.48 20.80 -19.23
C GLN B 145 -7.89 20.80 -19.84
N GLN B 146 -8.22 19.84 -20.71
CA GLN B 146 -9.54 19.80 -21.39
C GLN B 146 -10.63 19.49 -20.36
N LEU B 147 -10.33 18.65 -19.37
CA LEU B 147 -11.28 18.31 -18.27
C LEU B 147 -11.55 19.56 -17.42
N VAL B 148 -10.49 20.27 -17.00
CA VAL B 148 -10.63 21.51 -16.19
C VAL B 148 -11.40 22.55 -17.02
N LYS B 149 -11.07 22.68 -18.31
CA LYS B 149 -11.75 23.64 -19.23
C LYS B 149 -13.27 23.36 -19.24
N LEU B 150 -13.66 22.10 -19.41
CA LEU B 150 -15.09 21.73 -19.45
C LEU B 150 -15.75 22.09 -18.11
N ASP B 151 -15.09 21.78 -17.00
CA ASP B 151 -15.63 22.04 -15.63
C ASP B 151 -15.08 23.36 -15.07
N GLN B 152 -14.72 24.32 -15.91
CA GLN B 152 -13.96 25.52 -15.45
C GLN B 152 -14.79 26.34 -14.45
N GLU B 153 -16.12 26.31 -14.52
CA GLU B 153 -16.96 27.12 -13.59
C GLU B 153 -16.86 26.54 -12.17
N TRP B 154 -16.31 25.34 -12.00
CA TRP B 154 -16.02 24.73 -10.66
C TRP B 154 -14.77 25.35 -10.05
N VAL B 155 -13.91 25.98 -10.84
CA VAL B 155 -12.72 26.68 -10.26
C VAL B 155 -13.28 27.88 -9.50
N PRO B 156 -13.19 27.89 -8.15
CA PRO B 156 -13.92 28.88 -7.36
C PRO B 156 -13.55 30.34 -7.62
N TYR B 157 -14.56 31.21 -7.51
CA TYR B 157 -14.44 32.68 -7.58
C TYR B 157 -14.12 33.20 -6.17
N SER B 158 -12.89 32.91 -5.74
CA SER B 158 -12.36 33.24 -4.39
C SER B 158 -10.85 33.08 -4.43
N THR B 159 -10.12 34.05 -3.89
CA THR B 159 -8.64 34.02 -3.82
C THR B 159 -8.18 33.15 -2.66
N SER B 160 -9.09 32.51 -1.91
CA SER B 160 -8.76 31.58 -0.81
C SER B 160 -9.25 30.16 -1.13
N ALA B 161 -9.81 29.93 -2.32
CA ALA B 161 -10.30 28.61 -2.76
C ALA B 161 -9.68 28.24 -4.10
N SER B 162 -9.77 26.98 -4.49
CA SER B 162 -9.07 26.41 -5.68
C SER B 162 -9.77 25.13 -6.15
N LEU B 163 -9.37 24.61 -7.30
CA LEU B 163 -9.86 23.29 -7.78
C LEU B 163 -8.76 22.26 -7.62
N TYR B 164 -8.97 21.28 -6.75
CA TYR B 164 -8.00 20.18 -6.55
C TYR B 164 -8.16 19.16 -7.68
N ILE B 165 -7.03 18.80 -8.28
CA ILE B 165 -6.96 17.83 -9.41
C ILE B 165 -6.30 16.55 -8.90
N ARG B 166 -6.99 15.42 -9.05
CA ARG B 166 -6.57 14.12 -8.48
C ARG B 166 -6.45 13.11 -9.63
N PRO B 167 -5.31 13.10 -10.34
CA PRO B 167 -4.97 12.00 -11.22
C PRO B 167 -4.73 10.77 -10.34
N THR B 168 -5.28 9.64 -10.77
CA THR B 168 -5.28 8.35 -10.03
C THR B 168 -5.04 7.24 -11.05
N PHE B 169 -4.29 6.23 -10.66
CA PHE B 169 -3.81 5.20 -11.60
C PHE B 169 -3.83 3.86 -10.87
N ILE B 170 -4.67 2.93 -11.32
CA ILE B 170 -4.98 1.70 -10.56
C ILE B 170 -4.81 0.46 -11.45
N GLY B 171 -4.25 -0.60 -10.87
CA GLY B 171 -4.24 -1.94 -11.46
C GLY B 171 -5.64 -2.54 -11.40
N THR B 172 -6.16 -3.03 -12.52
CA THR B 172 -7.54 -3.57 -12.62
C THR B 172 -7.50 -5.00 -13.16
N GLU B 173 -6.34 -5.66 -13.13
CA GLU B 173 -6.27 -7.05 -13.61
C GLU B 173 -7.06 -7.95 -12.66
N PRO B 174 -7.96 -8.78 -13.22
CA PRO B 174 -8.76 -9.72 -12.44
C PRO B 174 -8.02 -11.03 -12.17
N SER B 175 -6.90 -10.92 -11.48
CA SER B 175 -6.01 -12.06 -11.11
C SER B 175 -5.51 -11.83 -9.69
N LEU B 176 -5.50 -12.87 -8.86
CA LEU B 176 -4.96 -12.79 -7.48
C LEU B 176 -3.45 -13.02 -7.48
N GLY B 177 -2.82 -13.26 -8.63
CA GLY B 177 -1.34 -13.35 -8.68
C GLY B 177 -0.72 -12.01 -8.28
N VAL B 178 0.33 -12.02 -7.48
CA VAL B 178 1.12 -10.79 -7.16
C VAL B 178 2.04 -10.56 -8.36
N LYS B 179 1.65 -9.67 -9.27
CA LYS B 179 2.28 -9.58 -10.61
C LYS B 179 2.10 -8.16 -11.16
N LYS B 180 3.00 -7.78 -12.07
CA LYS B 180 2.81 -6.59 -12.93
C LYS B 180 1.44 -6.69 -13.59
N PRO B 181 0.58 -5.65 -13.50
CA PRO B 181 -0.78 -5.74 -14.03
C PRO B 181 -0.82 -5.77 -15.57
N THR B 182 -1.77 -6.51 -16.13
CA THR B 182 -2.04 -6.58 -17.60
C THR B 182 -3.28 -5.74 -17.93
N LYS B 183 -3.87 -5.09 -16.94
CA LYS B 183 -5.05 -4.20 -17.11
C LYS B 183 -4.91 -3.06 -16.13
N ALA B 184 -5.24 -1.83 -16.54
CA ALA B 184 -5.15 -0.66 -15.64
C ALA B 184 -6.14 0.41 -16.10
N LEU B 185 -6.48 1.29 -15.17
CA LEU B 185 -7.34 2.48 -15.41
C LEU B 185 -6.59 3.70 -14.87
N LEU B 186 -6.41 4.70 -15.74
CA LEU B 186 -5.95 6.05 -15.33
C LEU B 186 -7.17 6.94 -15.34
N PHE B 187 -7.45 7.64 -14.24
CA PHE B 187 -8.62 8.55 -14.17
C PHE B 187 -8.21 9.83 -13.44
N VAL B 188 -8.99 10.88 -13.68
CA VAL B 188 -8.77 12.20 -13.02
C VAL B 188 -10.11 12.66 -12.47
N LEU B 189 -10.11 12.98 -11.17
CA LEU B 189 -11.22 13.65 -10.45
C LEU B 189 -10.86 15.11 -10.22
N LEU B 190 -11.88 15.96 -10.17
CA LEU B 190 -11.77 17.38 -9.76
C LEU B 190 -12.64 17.59 -8.52
N SER B 191 -12.09 18.32 -7.56
CA SER B 191 -12.74 18.59 -6.26
C SER B 191 -12.48 20.04 -5.87
N PRO B 192 -13.52 20.90 -5.79
CA PRO B 192 -13.34 22.28 -5.33
C PRO B 192 -13.01 22.23 -3.84
N VAL B 193 -12.02 23.02 -3.42
CA VAL B 193 -11.62 23.06 -2.00
C VAL B 193 -11.45 24.51 -1.57
N GLY B 194 -11.75 24.76 -0.29
CA GLY B 194 -11.62 26.07 0.35
C GLY B 194 -10.24 26.20 0.99
N PRO B 195 -10.06 27.17 1.92
CA PRO B 195 -8.80 27.31 2.63
C PRO B 195 -8.56 26.07 3.51
N TYR B 196 -7.30 25.74 3.80
CA TYR B 196 -6.90 24.48 4.48
C TYR B 196 -7.63 24.36 5.83
N PHE B 197 -7.63 25.45 6.61
CA PHE B 197 -8.44 25.62 7.85
C PHE B 197 -9.62 26.56 7.57
N SER B 198 -10.80 26.23 8.12
CA SER B 198 -12.08 26.95 7.94
C SER B 198 -11.91 28.46 8.17
N SER B 199 -11.06 28.86 9.13
CA SER B 199 -10.78 30.26 9.51
C SER B 199 -10.13 31.03 8.36
N GLY B 200 -9.42 30.34 7.46
CA GLY B 200 -8.71 30.95 6.31
C GLY B 200 -7.50 31.76 6.75
N THR B 201 -7.07 31.60 8.01
CA THR B 201 -5.82 32.18 8.58
C THR B 201 -5.00 31.03 9.16
N PHE B 202 -3.75 31.27 9.53
CA PHE B 202 -2.86 30.24 10.14
C PHE B 202 -3.53 29.68 11.40
N ASN B 203 -3.89 28.40 11.39
CA ASN B 203 -4.22 27.60 12.60
C ASN B 203 -3.03 26.70 12.86
N PRO B 204 -2.10 27.07 13.77
CA PRO B 204 -0.90 26.27 13.97
C PRO B 204 -1.26 24.87 14.48
N VAL B 205 -0.54 23.84 14.01
CA VAL B 205 -0.87 22.42 14.32
C VAL B 205 -0.01 21.95 15.49
N SER B 206 -0.59 21.06 16.31
CA SER B 206 0.11 20.23 17.31
C SER B 206 0.46 18.89 16.66
N LEU B 207 1.71 18.45 16.81
CA LEU B 207 2.23 17.20 16.20
C LEU B 207 2.42 16.12 17.26
N TRP B 208 2.04 14.90 16.91
CA TRP B 208 2.27 13.66 17.71
C TRP B 208 3.55 13.00 17.18
N ALA B 209 4.59 12.92 18.01
CA ALA B 209 5.91 12.36 17.65
C ALA B 209 6.13 11.08 18.47
N ASN B 210 5.83 9.95 17.85
CA ASN B 210 6.01 8.60 18.46
C ASN B 210 6.94 7.80 17.58
N PRO B 211 8.20 7.52 18.01
CA PRO B 211 9.17 6.83 17.15
C PRO B 211 8.79 5.37 16.88
N LYS B 212 7.74 4.85 17.53
CA LYS B 212 7.26 3.47 17.34
C LYS B 212 6.81 3.27 15.89
N TYR B 213 6.36 4.33 15.21
CA TYR B 213 5.86 4.27 13.82
C TYR B 213 6.88 4.88 12.86
N VAL B 214 7.00 4.28 11.68
CA VAL B 214 7.86 4.78 10.59
C VAL B 214 7.00 4.89 9.32
N ARG B 215 6.99 6.07 8.71
CA ARG B 215 6.19 6.34 7.49
C ARG B 215 6.78 5.60 6.29
N ALA B 216 8.11 5.57 6.22
CA ALA B 216 8.87 5.15 5.03
C ALA B 216 10.30 4.84 5.44
N TRP B 217 10.96 3.96 4.70
CA TRP B 217 12.31 3.46 5.04
C TRP B 217 13.18 3.47 3.79
N LYS B 218 14.49 3.54 3.98
CA LYS B 218 15.49 3.38 2.89
C LYS B 218 15.24 2.02 2.24
N GLY B 219 15.06 2.02 0.91
CA GLY B 219 14.79 0.82 0.11
C GLY B 219 13.30 0.61 -0.09
N GLY B 220 12.48 1.53 0.42
CA GLY B 220 11.02 1.52 0.28
C GLY B 220 10.55 2.49 -0.79
N THR B 221 9.29 2.90 -0.75
CA THR B 221 8.62 3.68 -1.82
C THR B 221 8.14 5.03 -1.28
N GLY B 222 8.70 5.49 -0.16
CA GLY B 222 8.32 6.76 0.50
C GLY B 222 8.52 7.98 -0.38
N ASP B 223 9.35 7.89 -1.42
CA ASP B 223 9.63 9.02 -2.33
C ASP B 223 8.69 8.98 -3.54
N CYS B 224 7.66 8.12 -3.50
CA CYS B 224 6.60 8.03 -4.54
C CYS B 224 5.23 8.22 -3.87
N LYS B 225 4.28 8.75 -4.63
CA LYS B 225 2.87 8.91 -4.19
C LYS B 225 2.13 7.61 -4.52
N MET B 226 2.61 6.49 -3.99
CA MET B 226 1.96 5.16 -4.15
C MET B 226 1.04 4.96 -2.96
N GLY B 227 -0.19 4.49 -3.21
CA GLY B 227 -1.23 4.38 -2.17
C GLY B 227 -0.74 3.66 -0.93
N GLY B 228 0.11 2.65 -1.11
CA GLY B 228 0.65 1.81 -0.02
C GLY B 228 1.32 2.61 1.08
N ASN B 229 1.83 3.81 0.79
CA ASN B 229 2.54 4.67 1.78
C ASN B 229 1.55 5.33 2.74
N TYR B 230 0.26 5.33 2.44
CA TYR B 230 -0.78 6.13 3.13
C TYR B 230 -1.66 5.23 4.01
N GLY B 231 -2.04 4.06 3.52
CA GLY B 231 -2.89 3.12 4.28
C GLY B 231 -2.23 2.74 5.60
N SER B 232 -0.90 2.68 5.63
CA SER B 232 -0.11 2.25 6.80
CA SER B 232 -0.13 2.24 6.82
C SER B 232 -0.02 3.38 7.84
N SER B 233 -0.35 4.62 7.45
CA SER B 233 -0.20 5.84 8.28
C SER B 233 -1.43 6.09 9.17
N LEU B 234 -2.58 5.47 8.84
CA LEU B 234 -3.89 5.83 9.46
C LEU B 234 -3.86 5.53 10.95
N PHE B 235 -3.21 4.45 11.37
CA PHE B 235 -3.22 4.04 12.79
C PHE B 235 -2.53 5.11 13.64
N ALA B 236 -1.36 5.58 13.20
CA ALA B 236 -0.59 6.64 13.89
C ALA B 236 -1.41 7.94 13.90
N GLN B 237 -2.12 8.26 12.82
CA GLN B 237 -2.95 9.49 12.73
C GLN B 237 -4.05 9.41 13.79
N CYS B 238 -4.71 8.26 13.92
CA CYS B 238 -5.77 8.05 14.93
C CYS B 238 -5.17 8.23 16.34
N GLU B 239 -3.96 7.71 16.57
CA GLU B 239 -3.27 7.84 17.87
C GLU B 239 -2.99 9.32 18.15
N ALA B 240 -2.53 10.07 17.13
CA ALA B 240 -2.31 11.52 17.21
C ALA B 240 -3.58 12.21 17.69
N VAL B 241 -4.72 11.97 17.03
CA VAL B 241 -6.02 12.63 17.35
C VAL B 241 -6.45 12.21 18.77
N ASP B 242 -6.24 10.95 19.15
CA ASP B 242 -6.57 10.44 20.52
C ASP B 242 -5.81 11.25 21.57
N ASN B 243 -4.63 11.77 21.22
CA ASN B 243 -3.72 12.50 22.16
C ASN B 243 -3.79 14.01 21.88
N GLY B 244 -4.85 14.48 21.22
CA GLY B 244 -5.17 15.91 21.04
C GLY B 244 -4.28 16.61 20.03
N CYS B 245 -3.63 15.88 19.11
CA CYS B 245 -2.75 16.43 18.05
C CYS B 245 -3.48 16.38 16.71
N GLN B 246 -3.14 17.28 15.77
CA GLN B 246 -3.82 17.40 14.45
C GLN B 246 -3.06 16.62 13.38
N GLN B 247 -1.76 16.44 13.54
CA GLN B 247 -0.90 15.80 12.53
C GLN B 247 0.14 14.91 13.24
N VAL B 248 0.69 13.96 12.50
CA VAL B 248 1.82 13.10 12.94
C VAL B 248 3.12 13.77 12.54
N LEU B 249 4.08 13.84 13.46
CA LEU B 249 5.50 14.09 13.09
C LEU B 249 6.18 12.74 12.86
N TRP B 250 6.58 12.47 11.62
CA TRP B 250 7.15 11.17 11.21
C TRP B 250 8.63 11.12 11.57
N LEU B 251 8.98 10.30 12.56
CA LEU B 251 10.38 10.13 13.04
C LEU B 251 11.00 8.90 12.38
N TYR B 252 12.31 8.97 12.10
CA TYR B 252 13.06 7.88 11.44
C TYR B 252 14.42 7.66 12.09
N GLY B 253 14.76 6.38 12.31
CA GLY B 253 16.11 5.96 12.71
C GLY B 253 16.35 6.10 14.20
N GLU B 254 17.50 5.58 14.64
CA GLU B 254 17.92 5.55 16.06
C GLU B 254 18.08 6.96 16.62
N ASP B 255 18.41 7.95 15.77
CA ASP B 255 18.62 9.37 16.19
C ASP B 255 17.33 10.19 16.08
N HIS B 256 16.21 9.60 15.69
CA HIS B 256 14.88 10.28 15.64
C HIS B 256 14.97 11.49 14.71
N GLN B 257 15.37 11.26 13.46
CA GLN B 257 15.25 12.27 12.39
C GLN B 257 13.78 12.70 12.29
N ILE B 258 13.55 14.01 12.20
CA ILE B 258 12.22 14.57 11.86
C ILE B 258 12.15 14.65 10.33
N THR B 259 11.18 13.97 9.72
CA THR B 259 11.19 13.75 8.24
C THR B 259 10.09 14.53 7.56
N GLU B 260 8.85 14.32 7.97
CA GLU B 260 7.64 14.89 7.34
C GLU B 260 6.59 15.17 8.42
N VAL B 261 5.68 16.08 8.12
CA VAL B 261 4.52 16.45 8.96
C VAL B 261 3.27 15.96 8.24
N GLY B 262 2.61 14.91 8.74
CA GLY B 262 1.45 14.29 8.07
C GLY B 262 1.78 13.94 6.63
N THR B 263 1.17 14.63 5.67
CA THR B 263 1.38 14.42 4.22
CA THR B 263 1.44 14.39 4.23
C THR B 263 2.08 15.66 3.65
N MET B 264 2.96 16.28 4.45
CA MET B 264 3.65 17.55 4.09
C MET B 264 5.15 17.45 4.35
N ASN B 265 5.94 18.11 3.52
CA ASN B 265 7.39 18.26 3.77
C ASN B 265 7.60 19.18 4.98
N LEU B 266 8.74 19.04 5.65
CA LEU B 266 9.03 19.69 6.95
C LEU B 266 10.12 20.74 6.75
N PHE B 267 9.85 21.98 7.14
CA PHE B 267 10.83 23.09 7.13
C PHE B 267 11.06 23.58 8.56
N LEU B 268 12.32 23.87 8.86
CA LEU B 268 12.76 24.44 10.16
C LEU B 268 13.57 25.70 9.85
N TYR B 269 13.11 26.83 10.38
CA TYR B 269 13.78 28.15 10.27
C TYR B 269 14.37 28.47 11.64
N TRP B 270 15.69 28.54 11.72
CA TRP B 270 16.41 28.55 13.02
C TRP B 270 17.79 29.15 12.84
N ILE B 271 18.46 29.36 13.97
CA ILE B 271 19.93 29.58 14.04
C ILE B 271 20.56 28.19 14.20
N ASN B 272 21.41 27.80 13.26
CA ASN B 272 22.01 26.44 13.22
C ASN B 272 23.14 26.40 14.25
N GLU B 273 23.83 25.25 14.33
CA GLU B 273 24.89 24.94 15.32
C GLU B 273 26.08 25.88 15.14
N ASP B 274 26.25 26.46 13.94
CA ASP B 274 27.37 27.37 13.59
C ASP B 274 26.96 28.83 13.81
N GLY B 275 25.77 29.06 14.37
CA GLY B 275 25.23 30.40 14.70
C GLY B 275 24.73 31.14 13.46
N GLU B 276 24.46 30.43 12.36
CA GLU B 276 23.98 31.01 11.08
C GLU B 276 22.45 30.87 11.02
N GLU B 277 21.75 31.94 10.69
CA GLU B 277 20.32 31.92 10.29
C GLU B 277 20.19 30.96 9.10
N GLU B 278 19.26 30.00 9.18
CA GLU B 278 19.18 28.88 8.22
C GLU B 278 17.73 28.41 8.07
N LEU B 279 17.31 28.19 6.82
CA LEU B 279 16.09 27.38 6.52
C LEU B 279 16.57 25.97 6.15
N ALA B 280 16.13 24.98 6.92
CA ALA B 280 16.57 23.57 6.78
C ALA B 280 15.37 22.70 6.45
N THR B 281 15.60 21.68 5.63
CA THR B 281 14.59 20.66 5.28
C THR B 281 15.33 19.34 5.04
N PRO B 282 14.75 18.19 5.41
CA PRO B 282 15.41 16.91 5.19
C PRO B 282 15.76 16.69 3.72
N PRO B 283 16.89 16.00 3.45
CA PRO B 283 17.31 15.74 2.08
C PRO B 283 16.49 14.61 1.42
N LEU B 284 16.50 14.57 0.09
CA LEU B 284 15.78 13.54 -0.70
C LEU B 284 16.63 12.28 -0.78
N ASP B 285 16.68 11.52 0.31
CA ASP B 285 17.56 10.33 0.46
C ASP B 285 16.73 9.04 0.33
N GLY B 286 15.46 9.16 -0.06
CA GLY B 286 14.59 7.99 -0.32
C GLY B 286 13.38 7.92 0.58
N ILE B 287 13.39 8.59 1.75
CA ILE B 287 12.26 8.49 2.72
C ILE B 287 11.42 9.78 2.70
N ILE B 288 11.73 10.71 1.79
CA ILE B 288 11.02 12.02 1.69
C ILE B 288 10.32 12.08 0.35
N LEU B 289 9.03 12.44 0.34
CA LEU B 289 8.28 12.71 -0.91
C LEU B 289 8.83 14.02 -1.48
N PRO B 290 9.35 14.04 -2.73
CA PRO B 290 9.86 15.28 -3.30
C PRO B 290 8.70 16.21 -3.69
N GLY B 291 8.23 17.01 -2.72
CA GLY B 291 7.13 17.95 -2.89
C GLY B 291 7.42 19.01 -3.93
N VAL B 292 6.43 19.35 -4.75
CA VAL B 292 6.50 20.55 -5.63
C VAL B 292 6.62 21.79 -4.75
N THR B 293 5.85 21.88 -3.67
CA THR B 293 5.87 23.05 -2.76
C THR B 293 7.27 23.17 -2.15
N ARG B 294 7.81 22.04 -1.67
CA ARG B 294 9.18 21.96 -1.08
C ARG B 294 10.18 22.55 -2.08
N ARG B 295 10.15 22.07 -3.33
CA ARG B 295 11.05 22.53 -4.42
C ARG B 295 10.91 24.05 -4.57
N CYS B 296 9.68 24.55 -4.67
CA CYS B 296 9.39 25.99 -4.87
C CYS B 296 9.96 26.80 -3.71
N ILE B 297 9.80 26.34 -2.48
CA ILE B 297 10.26 27.08 -1.27
C ILE B 297 11.79 27.13 -1.27
N LEU B 298 12.46 26.03 -1.58
CA LEU B 298 13.94 26.02 -1.68
C LEU B 298 14.38 27.02 -2.77
N ASP B 299 13.69 27.03 -3.91
CA ASP B 299 14.03 27.94 -5.03
C ASP B 299 13.90 29.40 -4.56
N LEU B 300 12.80 29.73 -3.88
CA LEU B 300 12.54 31.12 -3.39
C LEU B 300 13.61 31.51 -2.38
N ALA B 301 13.88 30.64 -1.41
CA ALA B 301 14.86 30.90 -0.33
C ALA B 301 16.24 31.11 -0.95
N HIS B 302 16.61 30.33 -1.97
CA HIS B 302 17.90 30.48 -2.70
C HIS B 302 17.90 31.84 -3.40
N GLN B 303 16.81 32.18 -4.09
CA GLN B 303 16.67 33.47 -4.83
C GLN B 303 16.86 34.65 -3.87
N TRP B 304 16.19 34.62 -2.70
CA TRP B 304 16.23 35.76 -1.75
C TRP B 304 17.64 35.97 -1.20
N GLY B 305 18.35 34.88 -0.90
CA GLY B 305 19.75 34.93 -0.44
C GLY B 305 19.89 35.68 0.88
N GLU B 306 18.89 35.64 1.75
CA GLU B 306 18.90 36.40 3.04
C GLU B 306 19.34 35.50 4.21
N PHE B 307 19.46 34.20 3.97
CA PHE B 307 19.88 33.21 5.00
C PHE B 307 20.34 31.93 4.29
N LYS B 308 21.05 31.08 5.03
CA LYS B 308 21.55 29.78 4.54
C LYS B 308 20.34 28.88 4.25
N VAL B 309 20.41 28.11 3.17
CA VAL B 309 19.37 27.11 2.78
C VAL B 309 20.05 25.75 2.75
N SER B 310 19.58 24.81 3.57
CA SER B 310 20.28 23.53 3.80
C SER B 310 19.29 22.37 3.68
N GLU B 311 19.57 21.45 2.76
CA GLU B 311 18.93 20.12 2.75
C GLU B 311 19.81 19.22 3.62
N ARG B 312 19.35 18.96 4.84
CA ARG B 312 20.18 18.35 5.89
C ARG B 312 19.29 17.57 6.85
N TYR B 313 19.87 16.59 7.53
CA TYR B 313 19.17 15.82 8.59
C TYR B 313 18.93 16.75 9.78
N LEU B 314 17.76 16.59 10.38
CA LEU B 314 17.31 17.32 11.59
C LEU B 314 16.75 16.28 12.55
N THR B 315 17.25 16.23 13.79
CA THR B 315 16.80 15.24 14.80
C THR B 315 15.99 15.95 15.89
N MET B 316 15.23 15.18 16.66
CA MET B 316 14.50 15.72 17.83
C MET B 316 15.51 16.37 18.78
N ASP B 317 16.68 15.77 18.98
CA ASP B 317 17.73 16.32 19.87
C ASP B 317 18.26 17.64 19.29
N ASP B 318 18.48 17.72 17.97
CA ASP B 318 18.84 19.01 17.32
C ASP B 318 17.80 20.07 17.72
N LEU B 319 16.51 19.72 17.61
CA LEU B 319 15.40 20.67 17.81
C LEU B 319 15.31 21.10 19.28
N THR B 320 15.35 20.16 20.22
CA THR B 320 15.20 20.47 21.67
C THR B 320 16.43 21.26 22.15
N THR B 321 17.62 20.93 21.66
CA THR B 321 18.86 21.69 21.98
C THR B 321 18.69 23.13 21.49
N ALA B 322 18.18 23.30 20.27
CA ALA B 322 17.95 24.63 19.66
C ALA B 322 16.90 25.41 20.47
N LEU B 323 15.80 24.78 20.87
CA LEU B 323 14.73 25.44 21.65
C LEU B 323 15.31 25.92 22.99
N GLU B 324 16.09 25.09 23.67
CA GLU B 324 16.78 25.43 24.94
C GLU B 324 17.65 26.68 24.76
N GLY B 325 18.24 26.86 23.57
CA GLY B 325 19.14 28.00 23.26
C GLY B 325 18.41 29.16 22.58
N ASN B 326 17.08 29.12 22.52
CA ASN B 326 16.22 30.15 21.88
C ASN B 326 16.67 30.37 20.43
N ARG B 327 17.03 29.29 19.73
CA ARG B 327 17.58 29.33 18.35
C ARG B 327 16.48 29.04 17.31
N VAL B 328 15.30 28.55 17.71
CA VAL B 328 14.22 28.20 16.74
C VAL B 328 13.35 29.44 16.50
N ARG B 329 13.08 29.74 15.23
CA ARG B 329 12.16 30.85 14.83
CA ARG B 329 12.17 30.85 14.82
C ARG B 329 10.82 30.25 14.41
N GLU B 330 10.84 29.37 13.39
CA GLU B 330 9.58 28.83 12.81
C GLU B 330 9.75 27.38 12.39
N MET B 331 8.67 26.61 12.48
CA MET B 331 8.57 25.28 11.85
C MET B 331 7.25 25.25 11.08
N PHE B 332 7.26 24.71 9.86
CA PHE B 332 6.03 24.60 9.05
C PHE B 332 6.13 23.41 8.09
N GLY B 333 4.97 22.83 7.79
CA GLY B 333 4.80 21.86 6.71
C GLY B 333 4.53 22.56 5.40
N SER B 334 4.86 21.92 4.29
CA SER B 334 4.57 22.41 2.93
C SER B 334 3.87 21.31 2.14
N GLY B 335 2.93 21.70 1.28
CA GLY B 335 2.24 20.76 0.41
C GLY B 335 1.20 21.50 -0.39
N THR B 336 0.68 20.83 -1.42
CA THR B 336 -0.34 21.42 -2.33
C THR B 336 -1.56 21.83 -1.51
N ALA B 337 -1.98 21.00 -0.53
CA ALA B 337 -3.25 21.21 0.22
C ALA B 337 -3.13 22.44 1.13
N CYS B 338 -2.02 22.61 1.84
CA CYS B 338 -1.91 23.67 2.86
C CYS B 338 -1.09 24.88 2.36
N VAL B 339 -0.19 24.67 1.39
CA VAL B 339 0.89 25.60 0.99
C VAL B 339 1.92 25.66 2.13
N VAL B 340 1.61 26.39 3.20
CA VAL B 340 2.47 26.58 4.39
C VAL B 340 1.60 26.35 5.63
N CYS B 341 1.95 25.36 6.46
CA CYS B 341 1.17 24.94 7.66
C CYS B 341 2.06 25.08 8.90
N PRO B 342 2.02 26.23 9.59
CA PRO B 342 2.80 26.44 10.81
C PRO B 342 2.54 25.39 11.89
N VAL B 343 3.60 25.04 12.61
CA VAL B 343 3.63 24.07 13.73
C VAL B 343 3.87 24.84 15.03
N SER B 344 3.04 24.64 16.06
CA SER B 344 3.14 25.32 17.37
C SER B 344 3.65 24.40 18.48
N ASP B 345 3.46 23.08 18.37
CA ASP B 345 3.78 22.16 19.49
C ASP B 345 4.03 20.75 18.97
N ILE B 346 4.86 20.02 19.69
CA ILE B 346 5.19 18.58 19.45
C ILE B 346 5.05 17.85 20.78
N LEU B 347 4.25 16.79 20.80
CA LEU B 347 4.14 15.86 21.95
C LEU B 347 5.12 14.71 21.73
N TYR B 348 6.09 14.58 22.64
CA TYR B 348 7.25 13.67 22.51
C TYR B 348 7.69 13.19 23.89
N LYS B 349 7.81 11.87 24.07
CA LYS B 349 8.29 11.24 25.33
C LYS B 349 7.47 11.77 26.51
N GLY B 350 6.16 11.93 26.32
CA GLY B 350 5.20 12.31 27.37
C GLY B 350 5.26 13.78 27.75
N GLU B 351 5.97 14.61 26.98
CA GLU B 351 6.10 16.08 27.23
C GLU B 351 5.53 16.84 26.03
N THR B 352 4.95 18.03 26.27
CA THR B 352 4.56 18.98 25.19
C THR B 352 5.72 19.96 24.99
N ILE B 353 6.27 20.01 23.77
CA ILE B 353 7.39 20.91 23.40
C ILE B 353 6.80 22.06 22.59
N HIS B 354 6.87 23.29 23.09
CA HIS B 354 6.34 24.47 22.35
C HIS B 354 7.35 24.90 21.28
N ILE B 355 6.86 25.12 20.06
CA ILE B 355 7.63 25.72 18.94
C ILE B 355 7.14 27.15 18.77
N PRO B 356 8.03 28.16 18.85
CA PRO B 356 7.60 29.56 18.90
C PRO B 356 7.27 30.20 17.54
N THR B 357 6.85 29.38 16.57
CA THR B 357 6.53 29.80 15.19
C THR B 357 5.64 31.06 15.21
N MET B 358 4.53 31.01 15.94
CA MET B 358 3.49 32.06 15.86
C MET B 358 3.92 33.30 16.65
N GLU B 359 4.93 33.19 17.52
CA GLU B 359 5.49 34.34 18.29
C GLU B 359 6.63 34.99 17.50
N ASN B 360 6.99 34.42 16.35
CA ASN B 360 8.05 34.96 15.45
C ASN B 360 7.40 35.42 14.13
N GLY B 361 6.12 35.82 14.17
CA GLY B 361 5.39 36.39 13.04
C GLY B 361 4.13 35.59 12.72
N PRO B 362 4.22 34.43 12.03
CA PRO B 362 5.49 33.86 11.57
C PRO B 362 5.96 34.54 10.27
N LYS B 363 7.10 35.23 10.32
CA LYS B 363 7.56 36.14 9.25
C LYS B 363 7.86 35.35 7.98
N LEU B 364 8.69 34.30 8.05
CA LEU B 364 9.10 33.56 6.83
C LEU B 364 7.91 32.79 6.26
N ALA B 365 7.14 32.09 7.09
CA ALA B 365 5.95 31.33 6.67
C ALA B 365 4.99 32.27 5.94
N SER B 366 4.73 33.45 6.50
CA SER B 366 3.81 34.47 5.91
C SER B 366 4.36 34.93 4.55
N ARG B 367 5.65 35.21 4.50
CA ARG B 367 6.32 35.70 3.27
C ARG B 367 6.20 34.64 2.16
N ILE B 368 6.46 33.37 2.49
CA ILE B 368 6.36 32.24 1.53
C ILE B 368 4.91 32.13 1.06
N LEU B 369 3.95 32.13 1.98
CA LEU B 369 2.52 31.98 1.64
C LEU B 369 2.12 33.12 0.69
N SER B 370 2.48 34.35 1.02
CA SER B 370 2.15 35.55 0.22
C SER B 370 2.75 35.38 -1.19
N LYS B 371 4.02 34.97 -1.30
CA LYS B 371 4.72 34.83 -2.60
C LYS B 371 4.04 33.73 -3.44
N LEU B 372 3.80 32.56 -2.85
CA LEU B 372 3.23 31.42 -3.62
C LEU B 372 1.79 31.77 -4.04
N THR B 373 1.00 32.39 -3.17
CA THR B 373 -0.42 32.73 -3.49
C THR B 373 -0.44 33.85 -4.54
N ASP B 374 0.49 34.82 -4.48
CA ASP B 374 0.59 35.88 -5.51
C ASP B 374 0.83 35.24 -6.88
N ILE B 375 1.72 34.24 -6.94
CA ILE B 375 2.02 33.50 -8.21
C ILE B 375 0.78 32.70 -8.63
N GLN B 376 0.21 31.92 -7.71
CA GLN B 376 -0.92 31.01 -8.03
C GLN B 376 -2.09 31.81 -8.63
N TYR B 377 -2.40 32.97 -8.06
CA TYR B 377 -3.62 33.76 -8.39
C TYR B 377 -3.26 34.90 -9.36
N GLY B 378 -2.09 34.83 -9.99
CA GLY B 378 -1.71 35.72 -11.11
C GLY B 378 -1.56 37.18 -10.68
N ARG B 379 -1.22 37.44 -9.42
CA ARG B 379 -0.92 38.82 -8.93
C ARG B 379 0.48 39.23 -9.44
N GLU B 380 1.31 38.26 -9.83
CA GLU B 380 2.59 38.51 -10.54
C GLU B 380 2.82 37.42 -11.58
N GLU B 381 3.51 37.77 -12.67
CA GLU B 381 3.87 36.81 -13.74
C GLU B 381 4.90 35.82 -13.20
N ARG B 382 4.90 34.59 -13.70
CA ARG B 382 5.86 33.54 -13.27
C ARG B 382 5.94 32.44 -14.33
N ASP B 383 7.13 31.85 -14.50
CA ASP B 383 7.36 30.64 -15.33
C ASP B 383 6.66 29.44 -14.70
N TRP B 384 6.23 29.54 -13.44
CA TRP B 384 5.67 28.42 -12.65
C TRP B 384 4.19 28.20 -12.96
N THR B 385 3.53 29.13 -13.65
CA THR B 385 2.08 28.99 -13.95
C THR B 385 1.87 28.87 -15.47
N ILE B 386 0.81 28.15 -15.83
CA ILE B 386 0.30 27.99 -17.23
C ILE B 386 -1.16 28.42 -17.21
N VAL B 387 -1.56 29.34 -18.09
CA VAL B 387 -3.00 29.72 -18.26
C VAL B 387 -3.69 28.55 -18.97
N LEU B 388 -4.93 28.24 -18.59
CA LEU B 388 -5.70 27.07 -19.09
C LEU B 388 -5.82 27.16 -20.62
N SER B 389 -5.67 26.04 -21.33
CA SER B 389 -5.65 25.99 -22.82
C SER B 389 -7.09 26.09 -23.35
#